data_8Y81
#
_entry.id   8Y81
#
_cell.length_a   1.00
_cell.length_b   1.00
_cell.length_c   1.00
_cell.angle_alpha   90.00
_cell.angle_beta   90.00
_cell.angle_gamma   90.00
#
_symmetry.space_group_name_H-M   'P 1'
#
loop_
_entity.id
_entity.type
_entity.pdbx_description
1 polymer 'High affinity immunoglobulin epsilon receptor subunit alpha'
2 polymer 'High affinity immunoglobulin epsilon receptor subunit beta'
3 polymer 'High affinity immunoglobulin epsilon receptor subunit gamma'
4 polymer 'Immunoglobulin heavy constant epsilon'
5 branched beta-D-mannopyranose-(1-4)-2-acetamido-2-deoxy-beta-D-glucopyranose-(1-4)-2-acetamido-2-deoxy-beta-D-glucopyranose
6 branched 2-acetamido-2-deoxy-beta-D-glucopyranose-(1-4)-2-acetamido-2-deoxy-beta-D-glucopyranose
7 non-polymer 2-acetamido-2-deoxy-beta-D-glucopyranose
8 non-polymer 'CHOLESTEROL HEMISUCCINATE'
#
loop_
_entity_poly.entity_id
_entity_poly.type
_entity_poly.pdbx_seq_one_letter_code
_entity_poly.pdbx_strand_id
1 'polypeptide(L)'
;MDTGGSARLCLALVLISLGVMLTATQKSVVSLDPPWIRILTGDKVTLICNGNNSSQMNSTKWIHNDSISNVKSSHWVIVS
ATIQDSGKYICQKQGFYKSKPVYLNVMQEWLLLQSSADVVLDNGSFDIRCRSWKKWKVHKVIYYKDDIAFKYSYDSNNIS
IRKATFNDSGSYHCTGYLNKVECKSDKFSIAVVKDYTIEYRWLQLIFPSLAVILFAVDTGLWFSTHKQFESILKIQKTGK
GKKKG
;
A
2 'polypeptide(L)'
;MDTENKSRADLALPNPQESPSAPDIELLEASPPAKALPEKPASPPPQQTWQSFLKKELEFLGVTQVLVGLICLCFGTVVC
STLQTSDFDDEVLLLYRAGYPFWGAVLFVLSGFLSIMSERKNTLYLVRGSLGANIVSSIAAGLGIAILILNLSNNSAYMN
YCKDITEDDGCFVTSFITELVLMLLFLTILAFCSAVLLIIYRIGQEFERSKVPDDRLYEELHVYSPIYSALEDTREASAP
VVS
;
B
3 'polypeptide(L)'
;MIPAVILFLLLLVEEAAALGEPQLCYILDAILFLYGIVLTLLYCRLKIQVRKADIASREKSDAVYTGLNTRNQETYETLK
HEKPPQGSGWSHPQFEKGSGDYKDDDDKGSGWSHPQFEK
;
C,G
4 'polypeptide(L)'
;MSVPTQVLGLLLLWLTDARCDIARPVNITKPTVDLLHSSCDPNAFHSTIQLYCFVYGHIQNDVSIHWLMDDRKIYETHAQ
NVLIKEEGKLASTYSRLNITQQQWMSESTFTCKVTSQGENYWAHTRRCSDDEPRGVITYLIPPSPLDLYENGTPKLTCLV
LDLESEENITVTWVRERKKSIGSASQRSTKHHNATTSITSILPVDAKDWIEGEGYQCRVDHPHFPKPIVRSITKAPGKRS
APEVYVFLPPEEEEKDKRTLTCLIQNFFPEDISVQWLQDSKLIPKSQHSTTTPLKYNGSNQRFFIFSRLEVTKALWTQTK
QFTCRVIHEALREPRKLERTISKSLGNTSLRPSQASMHHHHHH
;
E,F
#
loop_
_chem_comp.id
_chem_comp.type
_chem_comp.name
_chem_comp.formula
BMA D-saccharide, beta linking beta-D-mannopyranose 'C6 H12 O6'
NAG D-saccharide, beta linking 2-acetamido-2-deoxy-beta-D-glucopyranose 'C8 H15 N O6'
Y01 non-polymer 'CHOLESTEROL HEMISUCCINATE' 'C31 H50 O4'
#
# COMPACT_ATOMS: atom_id res chain seq x y z
N THR A 25 39.98 -20.47 -0.66
CA THR A 25 40.69 -19.35 -0.05
C THR A 25 39.80 -18.78 1.06
N GLN A 26 39.14 -17.65 0.80
CA GLN A 26 38.40 -16.95 1.84
C GLN A 26 37.03 -17.60 2.03
N LYS A 27 36.15 -16.94 2.77
CA LYS A 27 34.76 -17.37 2.87
C LYS A 27 34.06 -17.21 1.53
N SER A 28 33.06 -18.04 1.30
CA SER A 28 32.23 -17.87 0.12
C SER A 28 31.30 -16.68 0.30
N VAL A 29 30.89 -16.10 -0.83
CA VAL A 29 30.01 -14.93 -0.82
C VAL A 29 28.86 -15.28 -1.75
N VAL A 30 27.75 -15.75 -1.18
CA VAL A 30 26.55 -16.00 -1.97
C VAL A 30 25.86 -14.68 -2.28
N SER A 31 25.48 -14.50 -3.54
CA SER A 31 24.94 -13.24 -4.03
C SER A 31 23.87 -13.48 -5.08
N LEU A 32 22.74 -12.80 -4.90
CA LEU A 32 21.67 -12.79 -5.89
C LEU A 32 22.08 -11.91 -7.07
N ASP A 33 21.67 -12.28 -8.31
CA ASP A 33 21.92 -11.24 -9.30
C ASP A 33 20.73 -11.02 -10.25
N PRO A 34 19.51 -11.10 -9.77
CA PRO A 34 18.79 -9.88 -9.44
C PRO A 34 18.95 -9.65 -7.94
N PRO A 35 19.71 -8.64 -7.53
CA PRO A 35 19.98 -8.59 -6.08
C PRO A 35 18.83 -7.98 -5.30
N TRP A 36 17.77 -8.77 -5.14
CA TRP A 36 16.59 -8.41 -4.38
C TRP A 36 16.32 -9.52 -3.37
N ILE A 37 16.42 -9.20 -2.08
CA ILE A 37 16.16 -10.19 -1.05
C ILE A 37 14.67 -10.49 -0.92
N ARG A 38 13.81 -9.62 -1.44
CA ARG A 38 12.38 -9.84 -1.50
C ARG A 38 11.97 -9.88 -2.96
N ILE A 39 11.48 -11.04 -3.41
CA ILE A 39 11.01 -11.20 -4.78
C ILE A 39 9.59 -11.75 -4.72
N LEU A 40 8.88 -11.65 -5.83
CA LEU A 40 7.52 -12.17 -5.91
C LEU A 40 7.54 -13.59 -6.48
N THR A 41 6.39 -14.25 -6.42
CA THR A 41 6.27 -15.61 -6.93
C THR A 41 6.32 -15.59 -8.46
N GLY A 42 7.18 -16.44 -9.02
CA GLY A 42 7.39 -16.46 -10.45
C GLY A 42 8.53 -15.59 -10.93
N ASP A 43 9.13 -14.79 -10.05
CA ASP A 43 10.29 -13.99 -10.42
C ASP A 43 11.49 -14.90 -10.64
N LYS A 44 12.18 -14.72 -11.75
CA LYS A 44 13.40 -15.47 -11.99
C LYS A 44 14.52 -14.86 -11.15
N VAL A 45 15.08 -15.66 -10.25
CA VAL A 45 16.21 -15.23 -9.44
C VAL A 45 17.36 -16.19 -9.72
N THR A 46 18.58 -15.70 -9.61
CA THR A 46 19.76 -16.55 -9.73
C THR A 46 20.67 -16.33 -8.55
N LEU A 47 21.11 -17.44 -7.97
CA LEU A 47 21.93 -17.50 -6.77
C LEU A 47 23.35 -17.79 -7.21
N ILE A 48 24.22 -16.82 -7.06
CA ILE A 48 25.62 -16.96 -7.45
C ILE A 48 26.45 -17.05 -6.18
N CYS A 49 27.42 -17.96 -6.18
CA CYS A 49 28.38 -18.10 -5.10
C CYS A 49 29.47 -17.04 -5.32
N ASN A 50 30.73 -17.29 -4.93
CA ASN A 50 31.84 -16.33 -4.90
C ASN A 50 31.91 -15.25 -5.99
N GLY A 51 31.54 -15.61 -7.21
CA GLY A 51 31.18 -14.57 -8.16
C GLY A 51 32.00 -14.44 -9.42
N ASN A 52 31.43 -14.95 -10.51
CA ASN A 52 31.86 -14.70 -11.87
C ASN A 52 30.61 -14.74 -12.73
N ASN A 53 30.78 -14.84 -14.04
CA ASN A 53 29.67 -15.10 -14.94
C ASN A 53 29.96 -16.44 -15.63
N SER A 54 29.65 -17.53 -14.92
CA SER A 54 29.87 -18.89 -15.39
C SER A 54 29.14 -19.86 -14.46
N SER A 55 28.35 -20.77 -15.04
CA SER A 55 27.67 -21.80 -14.25
C SER A 55 28.62 -22.99 -14.14
N GLN A 56 29.49 -22.95 -13.14
CA GLN A 56 30.47 -24.00 -12.93
C GLN A 56 29.79 -25.18 -12.24
N MET A 57 29.46 -26.21 -13.01
CA MET A 57 28.71 -27.35 -12.50
C MET A 57 29.60 -28.25 -11.65
N ASN A 58 28.97 -28.90 -10.66
CA ASN A 58 29.60 -29.85 -9.74
C ASN A 58 30.78 -29.24 -8.98
N SER A 59 30.66 -27.96 -8.62
CA SER A 59 31.75 -27.28 -7.94
C SER A 59 31.27 -26.38 -6.80
N THR A 60 30.01 -26.47 -6.40
CA THR A 60 29.47 -25.64 -5.33
C THR A 60 28.49 -26.46 -4.51
N LYS A 61 28.68 -26.48 -3.20
CA LYS A 61 27.76 -27.12 -2.27
C LYS A 61 26.73 -26.09 -1.84
N TRP A 62 25.46 -26.38 -2.09
CA TRP A 62 24.37 -25.44 -1.82
C TRP A 62 23.55 -25.96 -0.65
N ILE A 63 23.34 -25.11 0.34
CA ILE A 63 22.53 -25.43 1.51
C ILE A 63 21.34 -24.49 1.52
N HIS A 64 20.14 -25.04 1.44
CA HIS A 64 18.91 -24.27 1.47
C HIS A 64 18.07 -24.75 2.63
N ASN A 65 17.70 -23.82 3.52
CA ASN A 65 16.89 -24.07 4.72
C ASN A 65 17.53 -25.12 5.62
N ASP A 66 18.86 -25.03 5.78
CA ASP A 66 19.67 -25.95 6.58
C ASP A 66 19.54 -27.40 6.10
N SER A 67 19.48 -27.57 4.79
CA SER A 67 19.43 -28.89 4.17
C SER A 67 20.16 -28.81 2.84
N ILE A 68 21.06 -29.77 2.59
CA ILE A 68 21.95 -29.70 1.44
C ILE A 68 21.17 -30.05 0.19
N SER A 69 21.08 -29.11 -0.74
CA SER A 69 20.35 -29.31 -1.97
C SER A 69 21.22 -30.00 -3.01
N ASN A 70 20.55 -30.65 -3.98
CA ASN A 70 21.23 -31.37 -5.03
C ASN A 70 21.76 -30.46 -6.14
N VAL A 71 21.42 -29.18 -6.11
CA VAL A 71 21.98 -28.23 -7.08
C VAL A 71 23.44 -28.01 -6.76
N LYS A 72 24.32 -28.37 -7.70
CA LYS A 72 25.76 -28.31 -7.46
C LYS A 72 26.46 -27.35 -8.41
N SER A 73 25.73 -26.59 -9.21
CA SER A 73 26.34 -25.60 -10.06
C SER A 73 26.70 -24.35 -9.27
N SER A 74 27.60 -23.54 -9.83
CA SER A 74 27.95 -22.27 -9.20
C SER A 74 26.83 -21.24 -9.34
N HIS A 75 25.91 -21.44 -10.27
CA HIS A 75 24.73 -20.61 -10.43
C HIS A 75 23.50 -21.48 -10.20
N TRP A 76 22.75 -21.18 -9.14
CA TRP A 76 21.46 -21.82 -8.88
C TRP A 76 20.41 -20.91 -9.51
N VAL A 77 20.00 -21.24 -10.72
CA VAL A 77 19.04 -20.42 -11.44
C VAL A 77 17.63 -20.93 -11.14
N ILE A 78 16.90 -20.18 -10.33
CA ILE A 78 15.48 -20.45 -10.09
C ILE A 78 14.70 -19.66 -11.14
N VAL A 79 14.16 -20.37 -12.14
CA VAL A 79 13.54 -19.68 -13.26
C VAL A 79 12.15 -19.16 -12.91
N SER A 80 11.55 -19.70 -11.85
CA SER A 80 10.26 -19.21 -11.39
C SER A 80 10.19 -19.49 -9.89
N ALA A 81 10.28 -18.44 -9.09
CA ALA A 81 10.37 -18.60 -7.65
C ALA A 81 9.05 -19.04 -7.05
N THR A 82 9.12 -20.01 -6.15
CA THR A 82 7.99 -20.55 -5.42
C THR A 82 8.12 -20.05 -3.98
N ILE A 83 7.00 -20.01 -3.25
CA ILE A 83 7.01 -19.69 -1.82
C ILE A 83 7.92 -20.65 -1.04
N GLN A 84 7.99 -21.91 -1.48
CA GLN A 84 8.93 -22.87 -0.92
C GLN A 84 10.38 -22.50 -1.16
N ASP A 85 10.69 -21.67 -2.15
CA ASP A 85 12.06 -21.27 -2.46
C ASP A 85 12.53 -20.09 -1.63
N SER A 86 11.80 -19.72 -0.59
CA SER A 86 12.24 -18.69 0.35
C SER A 86 13.27 -19.26 1.31
N GLY A 87 13.70 -18.43 2.25
CA GLY A 87 14.52 -18.87 3.35
C GLY A 87 16.00 -18.69 3.14
N LYS A 88 16.75 -19.51 3.85
CA LYS A 88 18.19 -19.38 3.99
C LYS A 88 18.92 -20.05 2.84
N TYR A 89 19.99 -19.40 2.36
CA TYR A 89 20.84 -19.96 1.31
C TYR A 89 22.29 -19.74 1.69
N ILE A 90 23.08 -20.82 1.59
CA ILE A 90 24.52 -20.82 1.82
C ILE A 90 25.17 -21.52 0.63
N CYS A 91 26.24 -20.93 0.08
CA CYS A 91 27.05 -21.61 -0.92
C CYS A 91 28.40 -21.95 -0.31
N GLN A 92 29.05 -22.95 -0.89
CA GLN A 92 30.41 -23.31 -0.47
C GLN A 92 31.12 -23.87 -1.71
N LYS A 93 31.98 -23.05 -2.31
CA LYS A 93 32.68 -23.50 -3.48
C LYS A 93 33.80 -24.47 -3.09
N GLN A 94 34.29 -25.22 -4.08
CA GLN A 94 35.33 -26.20 -3.82
C GLN A 94 36.63 -25.51 -3.47
N GLY A 95 37.15 -25.78 -2.28
CA GLY A 95 38.30 -25.07 -1.77
C GLY A 95 38.00 -23.79 -1.04
N PHE A 96 36.73 -23.48 -0.81
CA PHE A 96 36.34 -22.27 -0.09
C PHE A 96 35.54 -22.65 1.14
N TYR A 97 35.25 -21.64 1.96
CA TYR A 97 34.56 -21.85 3.22
C TYR A 97 33.05 -21.72 2.99
N LYS A 98 32.25 -21.98 4.02
CA LYS A 98 30.83 -21.76 3.91
C LYS A 98 30.53 -20.26 3.93
N SER A 99 29.46 -19.87 3.26
CA SER A 99 29.16 -18.47 3.06
C SER A 99 28.36 -17.90 4.22
N LYS A 100 28.37 -16.59 4.33
CA LYS A 100 27.37 -15.90 5.13
C LYS A 100 26.01 -16.11 4.47
N PRO A 101 25.00 -16.59 5.21
CA PRO A 101 23.75 -16.98 4.57
C PRO A 101 22.90 -15.78 4.16
N VAL A 102 22.32 -15.85 2.97
CA VAL A 102 21.39 -14.81 2.52
C VAL A 102 19.98 -15.36 2.62
N TYR A 103 19.04 -14.47 2.89
CA TYR A 103 17.66 -14.86 3.14
C TYR A 103 16.81 -14.34 1.98
N LEU A 104 16.44 -15.24 1.08
CA LEU A 104 15.45 -14.92 0.08
C LEU A 104 14.08 -14.90 0.73
N ASN A 105 13.18 -14.08 0.21
CA ASN A 105 11.82 -14.00 0.73
C ASN A 105 10.90 -13.91 -0.48
N VAL A 106 10.48 -15.06 -0.98
CA VAL A 106 9.54 -15.10 -2.09
C VAL A 106 8.15 -14.85 -1.52
N MET A 107 7.48 -13.81 -2.01
CA MET A 107 6.24 -13.35 -1.42
C MET A 107 5.15 -13.32 -2.47
N GLN A 108 3.91 -13.22 -1.98
CA GLN A 108 2.70 -13.31 -2.79
C GLN A 108 1.91 -12.04 -2.50
N GLU A 109 2.24 -10.98 -3.23
CA GLU A 109 1.77 -9.64 -2.92
C GLU A 109 1.22 -8.96 -4.18
N TRP A 110 0.22 -8.11 -3.98
CA TRP A 110 -0.20 -7.20 -5.05
C TRP A 110 0.91 -6.22 -5.37
N LEU A 111 1.56 -5.68 -4.34
CA LEU A 111 2.62 -4.71 -4.46
C LEU A 111 3.70 -5.08 -3.46
N LEU A 112 4.93 -5.22 -3.94
CA LEU A 112 6.04 -5.64 -3.11
C LEU A 112 7.13 -4.57 -3.17
N LEU A 113 7.58 -4.14 -2.00
CA LEU A 113 8.77 -3.33 -1.89
C LEU A 113 9.98 -4.26 -1.95
N GLN A 114 10.59 -4.37 -3.12
CA GLN A 114 11.84 -5.09 -3.21
C GLN A 114 12.96 -4.26 -2.63
N SER A 115 13.87 -4.90 -1.91
CA SER A 115 15.05 -4.24 -1.39
C SER A 115 16.25 -5.14 -1.67
N SER A 116 17.42 -4.52 -1.79
CA SER A 116 18.64 -5.31 -1.95
C SER A 116 19.18 -5.79 -0.62
N ALA A 117 18.72 -5.24 0.49
CA ALA A 117 19.16 -5.65 1.81
C ALA A 117 18.10 -5.26 2.83
N ASP A 118 18.09 -5.97 3.95
CA ASP A 118 17.30 -5.59 5.11
C ASP A 118 18.13 -4.95 6.20
N VAL A 119 19.41 -5.27 6.27
CA VAL A 119 20.36 -4.65 7.19
C VAL A 119 21.53 -4.15 6.36
N VAL A 120 21.79 -2.84 6.43
CA VAL A 120 22.80 -2.18 5.60
C VAL A 120 23.85 -1.59 6.52
N LEU A 121 25.12 -1.75 6.15
CA LEU A 121 26.18 -1.13 6.93
C LEU A 121 26.21 0.38 6.70
N ASP A 122 26.85 1.09 7.63
CA ASP A 122 27.08 2.51 7.45
C ASP A 122 28.04 2.75 6.31
N ASN A 123 27.84 3.88 5.61
CA ASN A 123 28.52 4.22 4.36
C ASN A 123 28.33 3.11 3.32
N GLY A 124 27.09 2.60 3.25
CA GLY A 124 26.74 1.56 2.31
C GLY A 124 25.59 2.00 1.42
N SER A 125 25.28 1.16 0.44
CA SER A 125 24.25 1.45 -0.54
C SER A 125 23.25 0.30 -0.60
N PHE A 126 22.01 0.63 -0.92
CA PHE A 126 21.01 -0.39 -1.20
C PHE A 126 19.97 0.17 -2.16
N ASP A 127 19.49 -0.70 -3.04
CA ASP A 127 18.42 -0.34 -3.96
C ASP A 127 17.09 -0.78 -3.39
N ILE A 128 16.04 -0.02 -3.69
CA ILE A 128 14.68 -0.48 -3.48
C ILE A 128 13.90 -0.28 -4.76
N ARG A 129 12.85 -1.07 -4.91
CA ARG A 129 11.98 -1.04 -6.07
C ARG A 129 10.58 -1.37 -5.61
N CYS A 130 9.59 -1.09 -6.45
CA CYS A 130 8.20 -1.37 -6.14
C CYS A 130 7.64 -2.18 -7.29
N ARG A 131 7.44 -3.48 -7.06
CA ARG A 131 7.11 -4.42 -8.12
C ARG A 131 5.72 -5.01 -7.89
N SER A 132 4.93 -5.14 -8.95
CA SER A 132 3.64 -5.78 -8.85
C SER A 132 3.68 -7.18 -9.48
N TRP A 133 2.51 -7.80 -9.53
CA TRP A 133 2.38 -9.23 -9.75
C TRP A 133 2.63 -9.60 -11.20
N LYS A 134 3.75 -10.29 -11.46
CA LYS A 134 4.09 -10.96 -12.71
C LYS A 134 4.13 -9.98 -13.89
N LYS A 135 5.09 -9.06 -13.80
CA LYS A 135 5.43 -8.09 -14.84
C LYS A 135 4.27 -7.15 -15.18
N TRP A 136 3.39 -6.89 -14.22
CA TRP A 136 2.43 -5.80 -14.37
C TRP A 136 3.12 -4.50 -13.99
N LYS A 137 2.94 -3.49 -14.81
CA LYS A 137 3.64 -2.23 -14.61
C LYS A 137 3.00 -1.45 -13.46
N VAL A 138 3.81 -1.08 -12.48
CA VAL A 138 3.38 -0.18 -11.42
C VAL A 138 3.64 1.22 -11.95
N HIS A 139 2.72 2.14 -11.70
CA HIS A 139 2.90 3.50 -12.15
C HIS A 139 2.54 4.43 -11.00
N LYS A 140 3.11 5.64 -11.06
CA LYS A 140 2.92 6.71 -10.07
C LYS A 140 3.26 6.23 -8.66
N VAL A 141 4.50 5.77 -8.54
CA VAL A 141 4.98 5.10 -7.33
C VAL A 141 5.47 6.17 -6.36
N ILE A 142 5.04 6.09 -5.12
CA ILE A 142 5.55 6.93 -4.05
C ILE A 142 6.21 6.03 -3.03
N TYR A 143 7.49 6.28 -2.74
CA TYR A 143 8.26 5.52 -1.77
C TYR A 143 8.23 6.26 -0.44
N TYR A 144 7.74 5.61 0.60
CA TYR A 144 7.65 6.19 1.92
C TYR A 144 8.68 5.56 2.84
N LYS A 145 9.17 6.34 3.79
CA LYS A 145 9.98 5.85 4.90
C LYS A 145 9.35 6.36 6.19
N ASP A 146 8.82 5.42 6.98
CA ASP A 146 8.09 5.69 8.23
C ASP A 146 6.93 6.66 8.01
N ASP A 147 6.08 6.33 7.03
CA ASP A 147 4.91 7.09 6.57
C ASP A 147 5.27 8.50 6.10
N ILE A 148 6.52 8.72 5.72
CA ILE A 148 6.99 10.00 5.19
C ILE A 148 7.62 9.71 3.84
N ALA A 149 7.05 10.29 2.79
CA ALA A 149 7.50 10.01 1.44
C ALA A 149 8.76 10.77 1.10
N PHE A 150 9.68 10.11 0.40
CA PHE A 150 10.93 10.72 0.01
C PHE A 150 11.18 10.73 -1.49
N LYS A 151 10.44 9.94 -2.27
CA LYS A 151 10.67 9.87 -3.70
C LYS A 151 9.37 9.49 -4.40
N TYR A 152 9.10 10.15 -5.52
CA TYR A 152 8.03 9.77 -6.43
C TYR A 152 8.64 9.51 -7.79
N SER A 153 8.26 8.39 -8.40
CA SER A 153 8.64 8.08 -9.77
C SER A 153 7.50 7.35 -10.45
N TYR A 154 7.22 7.74 -11.70
CA TYR A 154 6.21 7.03 -12.48
C TYR A 154 6.63 5.62 -12.86
N ASP A 155 7.68 5.49 -13.65
CA ASP A 155 8.16 4.15 -13.94
C ASP A 155 8.86 3.56 -12.72
N SER A 156 8.47 2.33 -12.36
CA SER A 156 8.97 1.70 -11.14
C SER A 156 10.40 1.26 -11.40
N ASN A 157 11.34 2.11 -11.06
CA ASN A 157 12.76 1.89 -11.29
C ASN A 157 13.49 1.79 -9.96
N ASN A 158 14.82 1.73 -10.05
CA ASN A 158 15.65 1.68 -8.86
C ASN A 158 15.61 2.98 -8.10
N ILE A 159 15.51 2.88 -6.78
CA ILE A 159 15.83 3.97 -5.89
C ILE A 159 17.09 3.54 -5.16
N SER A 160 18.22 4.12 -5.54
CA SER A 160 19.53 3.71 -5.07
C SER A 160 19.95 4.64 -3.95
N ILE A 161 19.84 4.16 -2.71
CA ILE A 161 20.23 4.94 -1.54
C ILE A 161 21.68 4.59 -1.25
N ARG A 162 22.58 5.46 -1.69
CA ARG A 162 24.02 5.33 -1.45
C ARG A 162 24.40 6.13 -0.22
N LYS A 163 25.51 5.71 0.40
CA LYS A 163 26.07 6.33 1.62
C LYS A 163 25.03 6.38 2.75
N ALA A 164 24.61 5.20 3.18
CA ALA A 164 23.53 5.08 4.14
C ALA A 164 23.96 5.56 5.52
N THR A 165 23.09 6.29 6.18
CA THR A 165 23.25 6.75 7.54
C THR A 165 22.07 6.24 8.37
N PHE A 166 22.06 6.61 9.65
CA PHE A 166 20.96 6.20 10.54
C PHE A 166 19.65 6.88 10.16
N ASN A 167 19.73 8.00 9.42
CA ASN A 167 18.58 8.57 8.73
C ASN A 167 17.89 7.54 7.82
N ASP A 168 18.66 6.68 7.17
CA ASP A 168 18.12 5.73 6.21
C ASP A 168 17.56 4.47 6.86
N SER A 169 17.62 4.34 8.18
CA SER A 169 16.86 3.30 8.86
C SER A 169 15.41 3.70 8.95
N GLY A 170 14.52 2.76 8.67
CA GLY A 170 13.10 3.05 8.80
C GLY A 170 12.26 1.97 8.16
N SER A 171 10.96 2.12 8.38
CA SER A 171 9.97 1.20 7.83
C SER A 171 9.54 1.70 6.46
N TYR A 172 10.34 1.33 5.46
CA TYR A 172 10.06 1.71 4.08
C TYR A 172 8.85 0.95 3.55
N HIS A 173 8.04 1.62 2.75
CA HIS A 173 7.09 0.93 1.88
C HIS A 173 6.89 1.77 0.63
N CYS A 174 5.96 1.35 -0.22
CA CYS A 174 5.66 2.10 -1.42
C CYS A 174 4.18 1.94 -1.75
N THR A 175 3.56 3.03 -2.16
CA THR A 175 2.23 2.97 -2.74
C THR A 175 2.37 3.14 -4.23
N GLY A 176 1.62 2.36 -5.00
CA GLY A 176 1.65 2.45 -6.43
C GLY A 176 0.23 2.50 -6.97
N TYR A 177 0.14 2.85 -8.24
CA TYR A 177 -1.08 2.65 -9.00
C TYR A 177 -0.85 1.47 -9.92
N LEU A 178 -1.80 0.54 -9.91
CA LEU A 178 -1.82 -0.61 -10.80
C LEU A 178 -2.30 -0.18 -12.18
N ASN A 179 -2.88 -1.12 -12.93
CA ASN A 179 -3.35 -0.84 -14.28
C ASN A 179 -4.34 0.33 -14.33
N LYS A 180 -5.13 0.55 -13.26
CA LYS A 180 -5.47 1.91 -12.81
C LYS A 180 -5.60 2.07 -11.31
N VAL A 181 -5.34 1.04 -10.50
CA VAL A 181 -5.83 0.96 -9.12
C VAL A 181 -4.71 1.23 -8.15
N GLU A 182 -4.99 2.05 -7.14
CA GLU A 182 -4.00 2.33 -6.10
C GLU A 182 -3.91 1.15 -5.14
N CYS A 183 -2.72 0.60 -4.99
CA CYS A 183 -2.44 -0.42 -4.01
C CYS A 183 -1.24 0.01 -3.17
N LYS A 184 -1.16 -0.56 -1.97
CA LYS A 184 -0.16 -0.19 -0.98
C LYS A 184 0.64 -1.43 -0.61
N SER A 185 1.96 -1.34 -0.72
CA SER A 185 2.80 -2.46 -0.35
C SER A 185 2.89 -2.59 1.16
N ASP A 186 3.16 -3.79 1.63
CA ASP A 186 3.42 -4.01 3.04
C ASP A 186 4.73 -3.35 3.44
N LYS A 187 4.79 -2.87 4.67
CA LYS A 187 5.97 -2.18 5.13
C LYS A 187 7.12 -3.16 5.35
N PHE A 188 8.33 -2.60 5.36
CA PHE A 188 9.55 -3.39 5.40
C PHE A 188 10.60 -2.56 6.11
N SER A 189 11.07 -3.05 7.26
CA SER A 189 12.02 -2.30 8.06
C SER A 189 13.43 -2.55 7.53
N ILE A 190 14.07 -1.50 7.03
CA ILE A 190 15.46 -1.55 6.61
C ILE A 190 16.26 -0.78 7.64
N ALA A 191 17.20 -1.46 8.30
CA ALA A 191 17.97 -0.89 9.38
C ALA A 191 19.39 -0.63 8.91
N VAL A 192 19.91 0.55 9.21
CA VAL A 192 21.29 0.91 8.92
C VAL A 192 22.06 0.88 10.23
N VAL A 193 23.13 0.09 10.27
CA VAL A 193 23.87 -0.18 11.50
C VAL A 193 25.34 0.15 11.27
N LYS A 194 26.05 0.37 12.37
CA LYS A 194 27.50 0.55 12.28
C LYS A 194 28.20 -0.76 11.96
N ASP A 195 27.79 -1.84 12.60
CA ASP A 195 28.26 -3.18 12.29
C ASP A 195 27.09 -4.14 12.39
N TYR A 196 27.22 -5.27 11.68
CA TYR A 196 26.15 -6.26 11.62
C TYR A 196 25.89 -6.87 12.98
N THR A 197 24.62 -7.10 13.29
CA THR A 197 24.28 -7.96 14.41
C THR A 197 24.70 -9.38 14.08
N ILE A 198 25.32 -10.06 15.04
CA ILE A 198 25.97 -11.33 14.71
C ILE A 198 25.38 -12.45 15.53
N GLU A 199 24.14 -12.27 16.06
CA GLU A 199 23.04 -13.27 16.17
C GLU A 199 23.42 -14.54 16.93
N TYR A 200 24.58 -14.57 17.60
CA TYR A 200 24.99 -15.72 18.40
C TYR A 200 25.76 -15.31 19.65
N ARG A 201 25.59 -14.07 20.13
CA ARG A 201 26.42 -13.54 21.22
C ARG A 201 26.19 -14.24 22.56
N TRP A 202 25.02 -14.87 22.74
CA TRP A 202 24.75 -15.62 23.97
C TRP A 202 25.65 -16.84 24.13
N LEU A 203 26.31 -17.28 23.06
CA LEU A 203 27.33 -18.32 23.18
C LEU A 203 28.47 -17.85 24.07
N GLN A 204 28.84 -16.56 23.99
CA GLN A 204 29.82 -16.07 24.94
C GLN A 204 29.24 -15.89 26.34
N LEU A 205 27.93 -16.02 26.50
CA LEU A 205 27.30 -16.11 27.80
C LEU A 205 27.24 -17.54 28.32
N ILE A 206 27.79 -18.51 27.60
CA ILE A 206 27.86 -19.87 28.13
C ILE A 206 28.88 -19.96 29.25
N PHE A 207 30.04 -19.35 29.07
CA PHE A 207 31.14 -19.41 30.03
C PHE A 207 30.92 -18.66 31.35
N PRO A 208 30.34 -17.44 31.41
CA PRO A 208 29.97 -16.93 32.73
C PRO A 208 28.84 -17.72 33.37
N SER A 209 27.92 -18.26 32.56
CA SER A 209 26.92 -19.18 33.08
C SER A 209 27.58 -20.41 33.67
N LEU A 210 28.58 -20.97 32.97
CA LEU A 210 29.33 -22.06 33.57
C LEU A 210 30.33 -21.62 34.62
N ALA A 211 30.35 -20.34 34.98
CA ALA A 211 30.89 -19.96 36.28
C ALA A 211 29.83 -20.05 37.36
N VAL A 212 28.60 -19.59 37.08
CA VAL A 212 27.58 -19.49 38.13
C VAL A 212 26.95 -20.82 38.49
N ILE A 213 27.26 -21.91 37.77
CA ILE A 213 27.13 -23.23 38.37
C ILE A 213 28.34 -23.54 39.24
N LEU A 214 29.55 -23.45 38.66
CA LEU A 214 30.75 -23.96 39.30
C LEU A 214 31.06 -23.23 40.59
N PHE A 215 30.99 -21.90 40.58
CA PHE A 215 31.14 -21.11 41.80
C PHE A 215 30.05 -21.46 42.80
N ALA A 216 28.81 -21.63 42.32
CA ALA A 216 27.73 -22.09 43.20
C ALA A 216 28.01 -23.50 43.70
N VAL A 217 28.64 -24.33 42.86
CA VAL A 217 29.10 -25.66 43.29
C VAL A 217 30.09 -25.51 44.43
N ASP A 218 30.97 -24.51 44.32
CA ASP A 218 31.91 -24.19 45.40
C ASP A 218 31.19 -23.84 46.68
N THR A 219 30.06 -23.11 46.58
CA THR A 219 29.28 -22.79 47.77
C THR A 219 28.70 -24.05 48.38
N GLY A 220 28.22 -24.98 47.55
CA GLY A 220 27.88 -26.30 48.04
C GLY A 220 29.09 -27.00 48.62
N LEU A 221 30.21 -26.93 47.90
CA LEU A 221 31.47 -27.47 48.39
C LEU A 221 32.13 -26.57 49.41
N TRP A 222 31.48 -25.47 49.80
CA TRP A 222 31.83 -24.86 51.06
C TRP A 222 30.94 -25.40 52.17
N PHE A 223 29.62 -25.41 51.92
CA PHE A 223 28.65 -25.68 52.98
C PHE A 223 28.74 -27.11 53.46
N SER A 224 28.71 -28.06 52.52
CA SER A 224 28.89 -29.47 52.88
C SER A 224 30.34 -29.78 53.26
N THR A 225 31.27 -28.85 53.04
CA THR A 225 32.60 -28.99 53.64
C THR A 225 32.62 -28.41 55.05
N HIS A 226 31.84 -27.36 55.29
CA HIS A 226 31.84 -26.74 56.61
C HIS A 226 31.11 -27.61 57.63
N LYS A 227 29.94 -28.13 57.23
CA LYS A 227 29.11 -28.93 58.13
C LYS A 227 29.81 -30.21 58.55
N GLN A 228 30.43 -30.91 57.61
CA GLN A 228 31.25 -32.06 57.92
C GLN A 228 32.47 -31.68 58.74
N PHE A 229 32.98 -30.45 58.59
CA PHE A 229 33.98 -29.96 59.52
C PHE A 229 33.35 -29.55 60.84
N GLU A 230 32.11 -29.05 60.82
CA GLU A 230 31.41 -28.70 62.05
C GLU A 230 31.11 -29.94 62.88
N SER A 231 30.91 -31.07 62.21
CA SER A 231 30.76 -32.36 62.89
C SER A 231 32.09 -32.98 63.30
N ILE A 232 33.23 -32.43 62.87
CA ILE A 232 34.51 -33.02 63.28
C ILE A 232 35.21 -32.18 64.35
N LEU A 233 34.78 -30.93 64.55
CA LEU A 233 35.23 -30.16 65.71
C LEU A 233 34.43 -30.47 66.95
N LYS A 234 33.29 -31.16 66.81
CA LYS A 234 32.46 -31.51 67.96
C LYS A 234 32.94 -32.81 68.61
N ILE A 235 33.37 -33.77 67.80
CA ILE A 235 33.87 -35.04 68.34
C ILE A 235 35.22 -34.85 69.02
N GLN A 236 36.09 -34.03 68.42
CA GLN A 236 37.49 -33.80 68.82
C GLN A 236 38.28 -35.10 68.93
N TRP B 50 56.24 -42.53 47.11
CA TRP B 50 55.40 -41.71 46.24
C TRP B 50 54.10 -42.43 45.91
N GLN B 51 54.05 -43.73 46.26
CA GLN B 51 52.81 -44.49 46.11
C GLN B 51 51.74 -43.99 47.07
N SER B 52 52.12 -43.68 48.31
CA SER B 52 51.19 -43.09 49.25
C SER B 52 50.91 -41.63 48.95
N PHE B 53 51.81 -40.97 48.21
CA PHE B 53 51.62 -39.58 47.81
C PHE B 53 50.56 -39.43 46.73
N LEU B 54 50.22 -40.51 46.02
CA LEU B 54 49.19 -40.48 44.98
C LEU B 54 47.89 -41.12 45.40
N LYS B 55 47.90 -41.99 46.42
CA LYS B 55 46.65 -42.60 46.88
C LYS B 55 45.80 -41.62 47.67
N LYS B 56 46.43 -40.62 48.31
CA LYS B 56 45.67 -39.61 49.04
C LYS B 56 44.88 -38.73 48.09
N GLU B 57 45.41 -38.47 46.91
CA GLU B 57 44.78 -37.60 45.94
C GLU B 57 44.10 -38.35 44.81
N LEU B 58 44.05 -39.69 44.89
CA LEU B 58 43.52 -40.51 43.80
C LEU B 58 42.02 -40.28 43.59
N GLU B 59 41.28 -40.11 44.69
CA GLU B 59 39.85 -39.82 44.59
C GLU B 59 39.60 -38.48 43.90
N PHE B 60 40.38 -37.46 44.25
CA PHE B 60 40.35 -36.19 43.52
C PHE B 60 40.82 -36.38 42.09
N LEU B 61 41.74 -37.30 41.87
CA LEU B 61 42.31 -37.50 40.54
C LEU B 61 41.35 -38.25 39.64
N GLY B 62 40.26 -38.80 40.19
CA GLY B 62 39.13 -39.24 39.40
C GLY B 62 37.96 -38.25 39.38
N VAL B 63 37.83 -37.44 40.43
CA VAL B 63 36.83 -36.37 40.45
C VAL B 63 37.13 -35.33 39.38
N THR B 64 38.43 -35.09 39.10
CA THR B 64 38.77 -34.20 37.99
C THR B 64 38.35 -34.78 36.64
N GLN B 65 38.39 -36.12 36.49
CA GLN B 65 37.88 -36.74 35.27
C GLN B 65 36.37 -36.60 35.15
N VAL B 66 35.66 -36.76 36.27
CA VAL B 66 34.21 -36.57 36.28
C VAL B 66 33.85 -35.13 35.92
N LEU B 67 34.60 -34.17 36.47
CA LEU B 67 34.38 -32.75 36.21
C LEU B 67 34.64 -32.40 34.75
N VAL B 68 35.75 -32.89 34.19
CA VAL B 68 36.09 -32.64 32.79
C VAL B 68 35.05 -33.28 31.88
N GLY B 69 34.57 -34.47 32.24
CA GLY B 69 33.52 -35.11 31.46
C GLY B 69 32.20 -34.39 31.49
N LEU B 70 31.82 -33.86 32.66
CA LEU B 70 30.53 -33.16 32.72
C LEU B 70 30.59 -31.81 32.03
N ILE B 71 31.73 -31.12 32.08
CA ILE B 71 31.85 -29.87 31.31
C ILE B 71 31.96 -30.16 29.82
N CYS B 72 32.56 -31.29 29.44
CA CYS B 72 32.52 -31.74 28.05
C CYS B 72 31.10 -32.00 27.59
N LEU B 73 30.28 -32.63 28.44
CA LEU B 73 28.89 -32.87 28.12
C LEU B 73 28.10 -31.57 28.00
N CYS B 74 28.39 -30.60 28.87
CA CYS B 74 27.68 -29.33 28.80
C CYS B 74 28.05 -28.54 27.55
N PHE B 75 29.33 -28.53 27.19
CA PHE B 75 29.76 -27.91 25.93
C PHE B 75 29.15 -28.62 24.74
N GLY B 76 29.08 -29.95 24.77
CA GLY B 76 28.47 -30.69 23.68
C GLY B 76 26.98 -30.44 23.54
N THR B 77 26.27 -30.35 24.66
CA THR B 77 24.83 -30.12 24.54
C THR B 77 24.51 -28.67 24.15
N VAL B 78 25.35 -27.70 24.54
CA VAL B 78 25.06 -26.34 24.06
C VAL B 78 25.46 -26.17 22.60
N VAL B 79 26.50 -26.86 22.12
CA VAL B 79 26.81 -26.82 20.70
C VAL B 79 25.75 -27.56 19.89
N CYS B 80 25.24 -28.68 20.41
CA CYS B 80 24.22 -29.43 19.70
C CYS B 80 22.89 -28.69 19.66
N SER B 81 22.51 -28.02 20.75
CA SER B 81 21.20 -27.38 20.81
C SER B 81 21.20 -25.97 20.25
N THR B 82 22.14 -25.12 20.69
CA THR B 82 22.09 -23.71 20.31
C THR B 82 22.53 -23.49 18.86
N LEU B 83 23.58 -24.18 18.41
CA LEU B 83 24.13 -23.92 17.09
C LEU B 83 23.33 -24.64 16.01
N GLN B 84 23.09 -23.92 14.92
CA GLN B 84 22.64 -24.53 13.67
C GLN B 84 23.89 -24.88 12.89
N THR B 85 24.30 -26.14 12.97
CA THR B 85 25.61 -26.57 12.49
C THR B 85 25.72 -26.62 10.97
N SER B 86 24.61 -26.48 10.25
CA SER B 86 24.69 -26.38 8.79
C SER B 86 25.21 -25.02 8.33
N ASP B 87 25.12 -24.00 9.19
CA ASP B 87 25.58 -22.67 8.83
C ASP B 87 27.10 -22.56 8.82
N PHE B 88 27.79 -23.49 9.46
CA PHE B 88 29.21 -23.40 9.71
C PHE B 88 29.92 -24.61 9.14
N ASP B 89 31.23 -24.47 8.99
CA ASP B 89 32.03 -25.46 8.28
C ASP B 89 32.19 -26.73 9.10
N ASP B 90 32.41 -27.84 8.38
CA ASP B 90 32.60 -29.12 9.03
C ASP B 90 34.03 -29.33 9.52
N GLU B 91 34.94 -28.41 9.20
CA GLU B 91 36.27 -28.41 9.79
C GLU B 91 36.43 -27.41 10.91
N VAL B 92 35.67 -26.32 10.89
CA VAL B 92 35.56 -25.46 12.06
C VAL B 92 34.85 -26.20 13.19
N LEU B 93 33.81 -26.96 12.86
CA LEU B 93 33.07 -27.76 13.83
C LEU B 93 33.59 -29.17 13.94
N LEU B 94 34.89 -29.39 13.73
CA LEU B 94 35.48 -30.72 13.81
C LEU B 94 35.40 -31.29 15.22
N LEU B 95 35.32 -30.42 16.23
CA LEU B 95 35.01 -30.83 17.59
C LEU B 95 33.69 -31.58 17.68
N TYR B 96 32.64 -31.04 17.07
CA TYR B 96 31.31 -31.61 17.18
C TYR B 96 31.03 -32.63 16.10
N ARG B 97 31.61 -32.45 14.90
CA ARG B 97 31.39 -33.40 13.82
C ARG B 97 32.10 -34.72 14.07
N ALA B 98 33.25 -34.69 14.76
CA ALA B 98 33.85 -35.92 15.24
C ALA B 98 33.22 -36.40 16.54
N GLY B 99 32.32 -35.63 17.12
CA GLY B 99 31.55 -36.08 18.26
C GLY B 99 32.30 -36.12 19.57
N TYR B 100 33.48 -35.49 19.64
CA TYR B 100 34.35 -35.58 20.83
C TYR B 100 33.70 -35.22 22.17
N PRO B 101 32.89 -34.15 22.33
CA PRO B 101 32.29 -33.92 23.65
C PRO B 101 31.39 -35.04 24.17
N PHE B 102 30.71 -35.76 23.29
CA PHE B 102 29.81 -36.82 23.74
C PHE B 102 30.55 -38.09 24.15
N TRP B 103 31.38 -38.65 23.27
CA TRP B 103 32.14 -39.84 23.65
C TRP B 103 33.33 -39.52 24.53
N GLY B 104 33.65 -38.25 24.74
CA GLY B 104 34.63 -37.87 25.73
C GLY B 104 33.97 -37.71 27.07
N ALA B 105 32.76 -37.14 27.09
CA ALA B 105 31.99 -36.99 28.31
C ALA B 105 31.65 -38.34 28.91
N VAL B 106 31.21 -39.28 28.07
CA VAL B 106 30.82 -40.60 28.53
C VAL B 106 32.01 -41.33 29.14
N LEU B 107 33.15 -41.31 28.45
CA LEU B 107 34.31 -42.06 28.93
C LEU B 107 34.98 -41.39 30.13
N PHE B 108 35.06 -40.05 30.15
CA PHE B 108 35.64 -39.37 31.30
C PHE B 108 34.77 -39.53 32.54
N VAL B 109 33.45 -39.37 32.40
CA VAL B 109 32.55 -39.53 33.54
C VAL B 109 32.55 -40.97 34.03
N LEU B 110 32.54 -41.94 33.11
CA LEU B 110 32.55 -43.36 33.48
C LEU B 110 33.85 -43.75 34.17
N SER B 111 34.99 -43.31 33.63
CA SER B 111 36.28 -43.68 34.20
C SER B 111 36.52 -43.00 35.55
N GLY B 112 36.13 -41.72 35.67
CA GLY B 112 36.26 -41.05 36.94
C GLY B 112 35.35 -41.62 38.01
N PHE B 113 34.11 -41.97 37.63
CA PHE B 113 33.16 -42.56 38.57
C PHE B 113 33.63 -43.95 39.03
N LEU B 114 34.15 -44.76 38.10
CA LEU B 114 34.70 -46.06 38.47
C LEU B 114 35.96 -45.92 39.31
N SER B 115 36.77 -44.89 39.07
CA SER B 115 37.94 -44.67 39.92
C SER B 115 37.54 -44.21 41.32
N ILE B 116 36.47 -43.42 41.43
CA ILE B 116 35.94 -43.01 42.72
C ILE B 116 35.46 -44.22 43.51
N MET B 117 34.69 -45.09 42.87
CA MET B 117 34.21 -46.29 43.58
C MET B 117 35.32 -47.31 43.83
N SER B 118 36.35 -47.37 42.97
CA SER B 118 37.44 -48.30 43.22
C SER B 118 38.34 -47.79 44.34
N GLU B 119 38.42 -46.47 44.53
CA GLU B 119 39.12 -45.94 45.69
C GLU B 119 38.29 -46.10 46.96
N ARG B 120 36.98 -45.91 46.86
CA ARG B 120 36.10 -45.96 48.02
C ARG B 120 35.77 -47.38 48.46
N LYS B 121 36.00 -48.39 47.63
CA LYS B 121 35.71 -49.76 48.01
C LYS B 121 36.92 -50.68 48.04
N ASN B 122 37.96 -50.39 47.25
CA ASN B 122 39.19 -51.19 47.14
C ASN B 122 38.93 -52.64 46.75
N THR B 123 37.88 -52.86 45.94
CA THR B 123 37.52 -54.20 45.50
C THR B 123 38.47 -54.64 44.39
N LEU B 124 38.84 -55.92 44.38
CA LEU B 124 39.74 -56.46 43.37
C LEU B 124 39.09 -56.59 42.00
N TYR B 125 37.77 -56.41 41.90
CA TYR B 125 37.10 -56.39 40.60
C TYR B 125 36.86 -54.98 40.08
N LEU B 126 36.75 -53.98 40.95
CA LEU B 126 36.73 -52.59 40.49
C LEU B 126 38.12 -52.18 39.97
N VAL B 127 39.16 -52.48 40.73
CA VAL B 127 40.51 -52.41 40.18
C VAL B 127 40.66 -53.50 39.13
N ARG B 128 41.36 -53.17 38.02
CA ARG B 128 41.49 -53.87 36.73
C ARG B 128 40.20 -53.75 35.91
N GLY B 129 39.15 -53.19 36.51
CA GLY B 129 37.98 -52.76 35.77
C GLY B 129 38.01 -51.26 35.60
N SER B 130 38.40 -50.55 36.67
CA SER B 130 38.65 -49.12 36.57
C SER B 130 39.98 -48.83 35.88
N LEU B 131 40.92 -49.78 35.89
CA LEU B 131 42.17 -49.59 35.15
C LEU B 131 41.93 -49.62 33.65
N GLY B 132 41.07 -50.53 33.18
CA GLY B 132 40.69 -50.52 31.77
C GLY B 132 39.89 -49.29 31.39
N ALA B 133 39.05 -48.81 32.30
CA ALA B 133 38.34 -47.56 32.09
C ALA B 133 39.30 -46.39 31.98
N ASN B 134 40.36 -46.40 32.80
CA ASN B 134 41.37 -45.35 32.70
C ASN B 134 42.23 -45.48 31.44
N ILE B 135 42.45 -46.71 30.96
CA ILE B 135 43.16 -46.93 29.70
C ILE B 135 42.36 -46.37 28.53
N VAL B 136 41.07 -46.67 28.50
CA VAL B 136 40.25 -46.16 27.40
C VAL B 136 39.98 -44.67 27.57
N SER B 137 40.03 -44.16 28.81
CA SER B 137 39.92 -42.72 29.04
C SER B 137 41.16 -41.99 28.56
N SER B 138 42.34 -42.56 28.78
CA SER B 138 43.57 -41.97 28.27
C SER B 138 43.64 -42.04 26.76
N ILE B 139 43.15 -43.12 26.16
CA ILE B 139 43.10 -43.24 24.70
C ILE B 139 42.14 -42.20 24.12
N ALA B 140 40.96 -42.06 24.72
CA ALA B 140 39.99 -41.05 24.29
C ALA B 140 40.52 -39.64 24.51
N ALA B 141 41.28 -39.41 25.58
CA ALA B 141 41.84 -38.09 25.82
C ALA B 141 42.98 -37.77 24.86
N GLY B 142 43.77 -38.78 24.47
CA GLY B 142 44.79 -38.55 23.45
C GLY B 142 44.20 -38.26 22.09
N LEU B 143 43.18 -39.02 21.69
CA LEU B 143 42.47 -38.73 20.45
C LEU B 143 41.77 -37.39 20.53
N GLY B 144 41.27 -37.02 21.71
CA GLY B 144 40.68 -35.71 21.89
C GLY B 144 41.68 -34.59 21.78
N ILE B 145 42.90 -34.77 22.33
CA ILE B 145 43.94 -33.77 22.20
C ILE B 145 44.34 -33.59 20.74
N ALA B 146 44.44 -34.70 19.99
CA ALA B 146 44.72 -34.62 18.56
C ALA B 146 43.61 -33.90 17.81
N ILE B 147 42.35 -34.19 18.15
CA ILE B 147 41.20 -33.53 17.52
C ILE B 147 41.18 -32.04 17.84
N LEU B 148 41.52 -31.67 19.07
CA LEU B 148 41.50 -30.26 19.48
C LEU B 148 42.65 -29.48 18.87
N ILE B 149 43.83 -30.09 18.69
CA ILE B 149 44.91 -29.40 17.96
C ILE B 149 44.54 -29.23 16.49
N LEU B 150 43.94 -30.25 15.87
CA LEU B 150 43.47 -30.11 14.50
C LEU B 150 42.38 -29.05 14.37
N ASN B 151 41.54 -28.91 15.39
CA ASN B 151 40.49 -27.89 15.34
C ASN B 151 41.04 -26.50 15.59
N LEU B 152 42.08 -26.36 16.41
CA LEU B 152 42.77 -25.06 16.51
C LEU B 152 43.44 -24.70 15.18
N SER B 153 44.01 -25.69 14.49
CA SER B 153 44.60 -25.43 13.17
C SER B 153 43.54 -24.99 12.17
N ASN B 154 42.40 -25.67 12.15
CA ASN B 154 41.31 -25.31 11.25
C ASN B 154 40.71 -23.96 11.62
N ASN B 155 40.64 -23.65 12.91
CA ASN B 155 40.09 -22.38 13.33
C ASN B 155 41.04 -21.22 13.01
N SER B 156 42.35 -21.45 13.10
CA SER B 156 43.29 -20.42 12.67
C SER B 156 43.25 -20.24 11.15
N ALA B 157 43.07 -21.34 10.41
CA ALA B 157 42.92 -21.24 8.96
C ALA B 157 41.64 -20.50 8.57
N TYR B 158 40.59 -20.64 9.38
CA TYR B 158 39.37 -19.85 9.14
C TYR B 158 39.59 -18.38 9.49
N MET B 159 40.18 -18.10 10.65
CA MET B 159 40.31 -16.75 11.14
C MET B 159 41.44 -15.97 10.48
N ASN B 160 42.23 -16.62 9.62
CA ASN B 160 43.10 -15.88 8.71
C ASN B 160 42.28 -14.98 7.79
N TYR B 161 41.17 -15.49 7.28
CA TYR B 161 40.25 -14.72 6.46
C TYR B 161 39.13 -14.10 7.30
N CYS B 162 39.50 -13.43 8.39
CA CYS B 162 38.53 -12.74 9.24
C CYS B 162 39.25 -11.52 9.81
N LYS B 163 38.88 -10.33 9.34
CA LYS B 163 39.53 -9.11 9.80
C LYS B 163 39.11 -8.72 11.21
N ASP B 164 38.04 -9.31 11.73
CA ASP B 164 37.58 -9.00 13.07
C ASP B 164 36.93 -10.26 13.63
N ILE B 165 36.88 -10.35 14.96
CA ILE B 165 36.14 -11.42 15.63
C ILE B 165 34.64 -11.31 15.33
N THR B 166 34.14 -10.10 15.11
CA THR B 166 32.71 -9.85 14.97
C THR B 166 32.33 -9.36 13.58
N GLU B 167 32.91 -9.95 12.53
CA GLU B 167 32.44 -9.66 11.17
C GLU B 167 31.02 -10.17 10.96
N ASP B 168 30.80 -11.45 11.28
CA ASP B 168 29.52 -12.10 11.01
C ASP B 168 29.38 -13.26 11.99
N ASP B 169 28.40 -14.14 11.72
CA ASP B 169 28.22 -15.32 12.54
C ASP B 169 29.37 -16.31 12.35
N GLY B 170 29.98 -16.32 11.18
CA GLY B 170 31.02 -17.32 10.90
C GLY B 170 32.28 -17.10 11.73
N CYS B 171 32.83 -15.87 11.67
CA CYS B 171 34.05 -15.57 12.41
C CYS B 171 33.79 -15.59 13.93
N PHE B 172 32.60 -15.17 14.35
CA PHE B 172 32.27 -15.15 15.76
C PHE B 172 32.09 -16.55 16.33
N VAL B 173 31.35 -17.41 15.62
CA VAL B 173 31.19 -18.80 16.06
C VAL B 173 32.51 -19.55 15.96
N THR B 174 33.35 -19.22 14.97
CA THR B 174 34.67 -19.84 14.90
C THR B 174 35.57 -19.42 16.04
N SER B 175 35.50 -18.15 16.46
CA SER B 175 36.31 -17.70 17.60
C SER B 175 35.80 -18.29 18.90
N PHE B 176 34.47 -18.37 19.06
CA PHE B 176 33.86 -19.00 20.23
C PHE B 176 34.23 -20.47 20.31
N ILE B 177 34.21 -21.17 19.17
CA ILE B 177 34.65 -22.55 19.10
C ILE B 177 36.15 -22.64 19.36
N THR B 178 36.94 -21.65 18.93
CA THR B 178 38.38 -21.67 19.14
C THR B 178 38.74 -21.58 20.62
N GLU B 179 38.14 -20.67 21.36
CA GLU B 179 38.47 -20.59 22.77
C GLU B 179 37.72 -21.64 23.60
N LEU B 180 36.64 -22.20 23.06
CA LEU B 180 36.06 -23.39 23.69
C LEU B 180 36.92 -24.63 23.47
N VAL B 181 37.56 -24.74 22.31
CA VAL B 181 38.58 -25.75 22.06
C VAL B 181 39.80 -25.52 22.93
N LEU B 182 40.14 -24.26 23.21
CA LEU B 182 41.26 -23.97 24.11
C LEU B 182 40.97 -24.42 25.54
N MET B 183 39.79 -24.11 26.06
CA MET B 183 39.45 -24.56 27.41
C MET B 183 38.83 -25.95 27.43
N LEU B 184 38.71 -26.61 26.29
CA LEU B 184 38.53 -28.06 26.28
C LEU B 184 39.85 -28.78 26.15
N LEU B 185 40.85 -28.10 25.58
CA LEU B 185 42.21 -28.63 25.54
C LEU B 185 42.85 -28.59 26.91
N PHE B 186 42.57 -27.53 27.67
CA PHE B 186 43.02 -27.45 29.06
C PHE B 186 42.40 -28.57 29.90
N LEU B 187 41.09 -28.78 29.76
CA LEU B 187 40.42 -29.84 30.51
C LEU B 187 40.82 -31.23 30.02
N THR B 188 41.07 -31.39 28.71
CA THR B 188 41.51 -32.68 28.20
C THR B 188 42.95 -32.99 28.60
N ILE B 189 43.80 -31.97 28.69
CA ILE B 189 45.14 -32.17 29.24
C ILE B 189 45.08 -32.56 30.70
N LEU B 190 44.16 -31.93 31.45
CA LEU B 190 43.96 -32.30 32.86
C LEU B 190 43.46 -33.74 33.00
N ALA B 191 42.47 -34.13 32.20
CA ALA B 191 41.93 -35.48 32.24
C ALA B 191 42.93 -36.50 31.74
N PHE B 192 43.76 -36.15 30.76
CA PHE B 192 44.77 -37.06 30.25
C PHE B 192 45.88 -37.26 31.26
N CYS B 193 46.30 -36.19 31.94
CA CYS B 193 47.30 -36.31 32.99
C CYS B 193 46.77 -37.12 34.17
N SER B 194 45.49 -36.94 34.50
CA SER B 194 44.88 -37.75 35.55
C SER B 194 44.76 -39.21 35.13
N ALA B 195 44.45 -39.46 33.86
CA ALA B 195 44.37 -40.84 33.36
C ALA B 195 45.73 -41.52 33.37
N VAL B 196 46.77 -40.79 32.98
CA VAL B 196 48.14 -41.32 33.06
C VAL B 196 48.54 -41.56 34.51
N LEU B 197 48.07 -40.71 35.43
CA LEU B 197 48.43 -40.91 36.84
C LEU B 197 47.70 -42.11 37.45
N LEU B 198 46.43 -42.33 37.09
CA LEU B 198 45.77 -43.59 37.47
C LEU B 198 46.45 -44.81 36.86
N ILE B 199 46.88 -44.70 35.59
CA ILE B 199 47.58 -45.81 34.94
C ILE B 199 48.90 -46.11 35.65
N ILE B 200 49.65 -45.07 36.00
CA ILE B 200 50.93 -45.22 36.68
C ILE B 200 50.74 -45.82 38.07
N TYR B 201 49.74 -45.33 38.82
CA TYR B 201 49.50 -45.85 40.16
C TYR B 201 49.01 -47.29 40.14
N ARG B 202 48.07 -47.61 39.24
CA ARG B 202 47.48 -48.95 39.25
C ARG B 202 48.28 -49.96 38.45
N ILE B 203 49.32 -49.55 37.74
CA ILE B 203 50.28 -50.48 37.16
C ILE B 203 51.47 -50.70 38.09
N GLY B 204 52.01 -49.62 38.66
CA GLY B 204 53.11 -49.72 39.60
C GLY B 204 52.75 -50.36 40.93
N GLN B 205 51.45 -50.38 41.28
CA GLN B 205 51.01 -51.14 42.45
C GLN B 205 51.12 -52.63 42.19
N GLU B 206 50.81 -53.08 40.97
CA GLU B 206 50.89 -54.49 40.62
C GLU B 206 52.31 -54.96 40.32
N PHE B 207 53.28 -54.05 40.26
CA PHE B 207 54.69 -54.44 40.21
C PHE B 207 55.20 -54.77 41.62
N PRO C 22 34.66 -6.15 24.54
CA PRO C 22 34.70 -7.03 23.38
C PRO C 22 35.64 -8.22 23.58
N GLN C 23 36.84 -8.13 22.97
CA GLN C 23 37.83 -9.20 23.11
C GLN C 23 38.35 -9.31 24.53
N LEU C 24 38.56 -8.17 25.19
CA LEU C 24 39.10 -8.15 26.55
C LEU C 24 38.12 -8.75 27.54
N CYS C 25 36.83 -8.44 27.39
CA CYS C 25 35.80 -9.03 28.24
C CYS C 25 35.69 -10.53 28.05
N TYR C 26 35.85 -11.01 26.82
CA TYR C 26 35.79 -12.45 26.57
C TYR C 26 37.00 -13.17 27.14
N ILE C 27 38.19 -12.56 27.03
CA ILE C 27 39.41 -13.16 27.59
C ILE C 27 39.35 -13.18 29.12
N LEU C 28 38.88 -12.08 29.72
CA LEU C 28 38.72 -12.03 31.17
C LEU C 28 37.63 -12.98 31.65
N ASP C 29 36.59 -13.21 30.85
CA ASP C 29 35.56 -14.15 31.24
C ASP C 29 36.04 -15.60 31.09
N ALA C 30 36.91 -15.86 30.11
CA ALA C 30 37.55 -17.17 30.01
C ALA C 30 38.46 -17.45 31.19
N ILE C 31 39.23 -16.45 31.64
CA ILE C 31 40.06 -16.67 32.82
C ILE C 31 39.22 -16.74 34.09
N LEU C 32 38.01 -16.14 34.08
CA LEU C 32 37.06 -16.35 35.17
C LEU C 32 36.57 -17.80 35.19
N PHE C 33 36.31 -18.37 34.02
CA PHE C 33 35.95 -19.79 33.94
C PHE C 33 37.07 -20.68 34.44
N LEU C 34 38.31 -20.37 34.06
CA LEU C 34 39.46 -21.15 34.52
C LEU C 34 39.66 -21.02 36.04
N TYR C 35 39.37 -19.83 36.57
CA TYR C 35 39.33 -19.62 38.02
C TYR C 35 38.28 -20.51 38.68
N GLY C 36 37.11 -20.62 38.05
CA GLY C 36 36.08 -21.53 38.56
C GLY C 36 36.52 -22.98 38.52
N ILE C 37 37.26 -23.38 37.47
CA ILE C 37 37.78 -24.74 37.36
C ILE C 37 38.75 -25.04 38.48
N VAL C 38 39.69 -24.13 38.72
CA VAL C 38 40.69 -24.31 39.78
C VAL C 38 40.02 -24.33 41.15
N LEU C 39 39.04 -23.47 41.36
CA LEU C 39 38.38 -23.40 42.66
C LEU C 39 37.53 -24.63 42.93
N THR C 40 36.83 -25.17 41.93
CA THR C 40 36.08 -26.39 42.18
C THR C 40 36.98 -27.60 42.30
N LEU C 41 38.16 -27.59 41.66
CA LEU C 41 39.10 -28.69 41.87
C LEU C 41 39.68 -28.67 43.29
N LEU C 42 40.04 -27.49 43.78
CA LEU C 42 40.58 -27.38 45.13
C LEU C 42 39.50 -27.67 46.17
N TYR C 43 38.26 -27.26 45.91
CA TYR C 43 37.17 -27.58 46.84
C TYR C 43 36.82 -29.06 46.83
N CYS C 44 36.96 -29.73 45.68
CA CYS C 44 36.75 -31.17 45.64
C CYS C 44 37.86 -31.91 46.38
N ARG C 45 39.10 -31.43 46.26
CA ARG C 45 40.20 -32.02 47.01
C ARG C 45 40.03 -31.82 48.51
N LEU C 46 39.57 -30.63 48.91
CA LEU C 46 39.27 -30.37 50.32
C LEU C 46 38.11 -31.23 50.80
N LYS C 47 37.13 -31.47 49.93
CA LYS C 47 36.00 -32.32 50.26
C LYS C 47 36.43 -33.76 50.51
N ILE C 48 37.31 -34.30 49.66
CA ILE C 48 37.71 -35.69 49.89
C ILE C 48 38.66 -35.77 51.09
N GLN C 49 39.40 -34.69 51.39
CA GLN C 49 40.26 -34.70 52.58
C GLN C 49 39.43 -34.69 53.86
N VAL C 50 38.38 -33.87 53.90
CA VAL C 50 37.48 -33.82 55.04
C VAL C 50 36.71 -35.14 55.17
N ARG C 51 36.29 -35.72 54.04
CA ARG C 51 35.57 -36.99 54.09
C ARG C 51 36.47 -38.13 54.53
N LYS C 52 37.74 -38.13 54.11
CA LYS C 52 38.66 -39.16 54.57
C LYS C 52 38.98 -39.03 56.05
N ALA C 53 39.14 -37.78 56.54
CA ALA C 53 39.35 -37.56 57.97
C ALA C 53 38.13 -37.98 58.79
N ASP C 54 36.92 -37.69 58.30
CA ASP C 54 35.71 -38.08 58.99
C ASP C 54 35.47 -39.59 58.96
N ILE C 55 35.80 -40.26 57.86
CA ILE C 55 35.63 -41.71 57.81
C ILE C 55 36.76 -42.43 58.54
N ALA C 56 37.88 -41.76 58.80
CA ALA C 56 38.87 -42.31 59.72
C ALA C 56 38.45 -42.09 61.16
N SER C 57 37.76 -40.97 61.45
CA SER C 57 37.28 -40.72 62.81
C SER C 57 36.10 -41.61 63.16
N ARG C 58 35.18 -41.82 62.21
CA ARG C 58 34.03 -42.68 62.43
C ARG C 58 34.45 -44.15 62.44
N VAL D 26 -45.93 -9.26 -38.51
CA VAL D 26 -44.96 -8.25 -38.93
C VAL D 26 -43.57 -8.61 -38.42
N ASN D 27 -42.64 -8.79 -39.37
CA ASN D 27 -41.26 -9.09 -39.01
C ASN D 27 -40.59 -7.89 -38.37
N ILE D 28 -39.59 -8.17 -37.52
CA ILE D 28 -38.78 -7.13 -36.92
C ILE D 28 -37.53 -6.97 -37.78
N THR D 29 -37.31 -5.76 -38.30
CA THR D 29 -36.14 -5.49 -39.12
C THR D 29 -35.07 -4.82 -38.27
N LYS D 30 -33.93 -5.50 -38.14
CA LYS D 30 -32.86 -5.03 -37.29
C LYS D 30 -32.05 -3.97 -38.02
N PRO D 31 -31.88 -2.78 -37.45
CA PRO D 31 -31.01 -1.79 -38.07
C PRO D 31 -29.52 -1.79 -37.70
N THR D 32 -28.71 -1.46 -38.72
CA THR D 32 -27.27 -1.35 -38.52
C THR D 32 -26.99 -0.09 -37.70
N VAL D 33 -26.34 -0.28 -36.56
CA VAL D 33 -26.10 0.81 -35.61
C VAL D 33 -24.59 1.00 -35.51
N ASP D 34 -24.11 2.13 -36.01
CA ASP D 34 -22.71 2.50 -35.94
C ASP D 34 -22.52 3.61 -34.92
N LEU D 35 -21.33 3.67 -34.34
CA LEU D 35 -21.01 4.67 -33.32
C LEU D 35 -19.67 5.30 -33.68
N LEU D 36 -19.75 6.41 -34.41
CA LEU D 36 -18.57 7.15 -34.84
C LEU D 36 -18.41 8.38 -33.97
N HIS D 37 -17.28 9.06 -34.11
CA HIS D 37 -17.10 10.34 -33.42
C HIS D 37 -15.97 11.12 -34.05
N SER D 38 -15.96 12.42 -33.79
CA SER D 38 -14.81 13.25 -34.08
C SER D 38 -13.72 12.99 -33.05
N SER D 39 -12.52 13.48 -33.33
CA SER D 39 -11.36 13.24 -32.49
C SER D 39 -10.84 14.54 -31.89
N CYS D 40 -9.70 14.44 -31.21
CA CYS D 40 -9.05 15.60 -30.61
C CYS D 40 -8.45 16.48 -31.68
N ASP D 41 -8.65 17.78 -31.54
CA ASP D 41 -7.85 18.79 -32.24
C ASP D 41 -7.23 19.67 -31.17
N PRO D 42 -5.96 19.43 -30.81
CA PRO D 42 -5.31 20.28 -29.79
C PRO D 42 -5.13 21.72 -30.23
N ASN D 43 -5.10 21.99 -31.53
CA ASN D 43 -5.08 23.34 -32.03
C ASN D 43 -6.45 24.02 -31.93
N ALA D 44 -7.52 23.25 -31.74
CA ALA D 44 -8.84 23.82 -31.55
C ALA D 44 -9.11 24.06 -30.07
N PHE D 45 -10.25 24.68 -29.80
CA PHE D 45 -10.47 25.35 -28.54
C PHE D 45 -11.78 24.97 -27.88
N HIS D 46 -12.65 24.21 -28.55
CA HIS D 46 -13.93 23.82 -27.99
C HIS D 46 -13.78 22.80 -26.88
N SER D 47 -12.72 21.96 -26.95
CA SER D 47 -12.44 20.88 -26.00
C SER D 47 -13.62 19.91 -25.88
N THR D 48 -14.18 19.54 -27.03
CA THR D 48 -15.44 18.81 -27.09
C THR D 48 -15.35 17.71 -28.14
N ILE D 49 -15.76 16.50 -27.78
CA ILE D 49 -15.83 15.36 -28.68
C ILE D 49 -17.28 15.19 -29.15
N GLN D 50 -17.44 15.00 -30.44
CA GLN D 50 -18.74 14.94 -31.12
C GLN D 50 -19.05 13.48 -31.39
N LEU D 51 -19.70 12.79 -30.46
CA LEU D 51 -20.14 11.42 -30.73
C LEU D 51 -21.38 11.40 -31.61
N TYR D 52 -21.41 10.50 -32.58
CA TYR D 52 -22.56 10.28 -33.45
C TYR D 52 -22.94 8.81 -33.42
N CYS D 53 -24.23 8.53 -33.25
CA CYS D 53 -24.77 7.19 -33.38
C CYS D 53 -25.66 7.15 -34.60
N PHE D 54 -25.24 6.40 -35.62
CA PHE D 54 -25.95 6.29 -36.88
C PHE D 54 -26.80 5.03 -36.85
N VAL D 55 -28.05 5.14 -37.31
CA VAL D 55 -28.99 4.03 -37.38
C VAL D 55 -29.46 3.94 -38.82
N TYR D 56 -29.23 2.80 -39.46
CA TYR D 56 -29.59 2.58 -40.85
C TYR D 56 -30.54 1.39 -40.94
N GLY D 57 -31.67 1.55 -41.61
CA GLY D 57 -32.58 0.45 -41.82
C GLY D 57 -33.65 0.27 -40.77
N HIS D 58 -34.02 1.32 -40.05
CA HIS D 58 -35.07 1.22 -39.05
C HIS D 58 -36.41 1.60 -39.67
N ILE D 59 -37.44 1.78 -38.84
CA ILE D 59 -38.78 2.12 -39.28
C ILE D 59 -39.03 3.58 -38.93
N GLN D 60 -39.63 4.33 -39.87
CA GLN D 60 -39.94 5.74 -39.66
C GLN D 60 -40.86 5.95 -38.48
N ASN D 61 -40.51 6.93 -37.64
CA ASN D 61 -41.22 7.31 -36.40
C ASN D 61 -41.31 6.14 -35.42
N ASP D 62 -40.33 5.23 -35.45
CA ASP D 62 -40.27 4.12 -34.52
C ASP D 62 -38.84 3.89 -34.06
N VAL D 63 -38.12 4.97 -33.80
CA VAL D 63 -36.74 4.90 -33.34
C VAL D 63 -36.60 5.80 -32.11
N SER D 64 -35.81 5.36 -31.14
CA SER D 64 -35.43 6.25 -30.05
C SER D 64 -34.00 5.92 -29.65
N ILE D 65 -33.10 6.89 -29.79
CA ILE D 65 -31.69 6.70 -29.47
C ILE D 65 -31.40 7.41 -28.16
N HIS D 66 -30.97 6.65 -27.16
CA HIS D 66 -30.58 7.17 -25.86
C HIS D 66 -29.09 6.93 -25.65
N TRP D 67 -28.50 7.70 -24.73
CA TRP D 67 -27.06 7.73 -24.54
C TRP D 67 -26.71 7.32 -23.12
N LEU D 68 -25.62 6.58 -22.98
CA LEU D 68 -25.15 6.11 -21.69
C LEU D 68 -23.65 6.33 -21.59
N MET D 69 -23.19 6.67 -20.40
CA MET D 69 -21.77 6.78 -20.08
C MET D 69 -21.51 5.84 -18.91
N ASP D 70 -21.01 4.64 -19.22
CA ASP D 70 -20.69 3.59 -18.25
C ASP D 70 -21.92 3.22 -17.42
N ASP D 71 -22.98 2.82 -18.13
CA ASP D 71 -24.33 2.48 -17.68
C ASP D 71 -25.12 3.64 -17.09
N ARG D 72 -24.55 4.84 -17.02
CA ARG D 72 -25.25 6.00 -16.50
C ARG D 72 -25.89 6.75 -17.66
N LYS D 73 -27.20 6.87 -17.64
CA LYS D 73 -27.92 7.56 -18.71
C LYS D 73 -27.61 9.04 -18.70
N ILE D 74 -27.35 9.59 -19.88
CA ILE D 74 -26.93 10.98 -20.02
C ILE D 74 -28.19 11.79 -20.28
N TYR D 75 -28.72 12.42 -19.23
CA TYR D 75 -29.92 13.24 -19.34
C TYR D 75 -29.61 14.67 -19.73
N GLU D 76 -28.62 15.27 -19.06
CA GLU D 76 -28.34 16.70 -19.18
C GLU D 76 -27.43 17.00 -20.38
N THR D 77 -27.94 16.69 -21.57
CA THR D 77 -27.19 16.99 -22.77
C THR D 77 -28.00 17.66 -23.87
N HIS D 78 -29.31 17.39 -23.90
CA HIS D 78 -30.19 17.65 -25.05
C HIS D 78 -29.56 17.16 -26.36
N ALA D 79 -29.34 15.85 -26.41
CA ALA D 79 -28.70 15.23 -27.57
C ALA D 79 -29.62 15.30 -28.78
N GLN D 80 -29.08 15.79 -29.89
CA GLN D 80 -29.89 16.14 -31.06
C GLN D 80 -30.05 14.93 -31.97
N ASN D 81 -31.30 14.62 -32.32
CA ASN D 81 -31.61 13.53 -33.23
C ASN D 81 -31.88 14.12 -34.62
N VAL D 82 -31.09 13.69 -35.60
CA VAL D 82 -31.16 14.22 -36.96
C VAL D 82 -31.48 13.09 -37.91
N LEU D 83 -32.50 13.28 -38.75
CA LEU D 83 -32.85 12.31 -39.78
C LEU D 83 -31.82 12.36 -40.90
N ILE D 84 -31.52 11.20 -41.47
CA ILE D 84 -30.59 11.12 -42.59
C ILE D 84 -31.38 11.00 -43.89
N LYS D 85 -32.16 9.93 -44.02
CA LYS D 85 -32.85 9.66 -45.28
C LYS D 85 -33.99 8.69 -45.05
N GLU D 86 -34.83 8.54 -46.07
CA GLU D 86 -35.93 7.58 -46.08
C GLU D 86 -35.90 6.79 -47.37
N GLU D 87 -35.93 5.47 -47.26
CA GLU D 87 -35.98 4.55 -48.40
C GLU D 87 -37.21 3.67 -48.21
N GLY D 88 -38.34 4.13 -48.74
CA GLY D 88 -39.60 3.42 -48.58
C GLY D 88 -40.07 3.36 -47.14
N LYS D 89 -40.25 2.15 -46.62
CA LYS D 89 -40.57 1.95 -45.21
C LYS D 89 -39.32 1.86 -44.34
N LEU D 90 -38.13 1.93 -44.94
CA LEU D 90 -36.89 1.96 -44.18
C LEU D 90 -36.42 3.40 -44.01
N ALA D 91 -35.61 3.62 -42.99
CA ALA D 91 -35.13 4.97 -42.72
C ALA D 91 -33.73 4.91 -42.14
N SER D 92 -33.00 6.01 -42.31
CA SER D 92 -31.73 6.22 -41.66
C SER D 92 -31.82 7.52 -40.88
N THR D 93 -31.38 7.49 -39.63
CA THR D 93 -31.25 8.67 -38.77
C THR D 93 -29.91 8.61 -38.05
N TYR D 94 -29.62 9.67 -37.29
CA TYR D 94 -28.49 9.65 -36.37
C TYR D 94 -28.79 10.58 -35.21
N SER D 95 -28.06 10.35 -34.12
CA SER D 95 -28.11 11.20 -32.95
C SER D 95 -26.70 11.69 -32.64
N ARG D 96 -26.60 12.95 -32.24
CA ARG D 96 -25.32 13.56 -31.92
C ARG D 96 -25.28 13.86 -30.42
N LEU D 97 -24.21 13.42 -29.77
CA LEU D 97 -23.97 13.69 -28.36
C LEU D 97 -22.69 14.50 -28.24
N ASN D 98 -22.74 15.60 -27.49
CA ASN D 98 -21.58 16.42 -27.24
C ASN D 98 -21.00 16.02 -25.90
N ILE D 99 -19.77 15.54 -25.87
CA ILE D 99 -19.15 15.19 -24.60
C ILE D 99 -17.90 16.03 -24.42
N THR D 100 -17.50 16.17 -23.17
CA THR D 100 -16.29 16.90 -22.83
C THR D 100 -15.08 16.07 -23.27
N GLN D 101 -13.98 16.77 -23.56
CA GLN D 101 -12.71 16.13 -23.89
C GLN D 101 -12.24 15.18 -22.80
N GLN D 102 -12.31 15.60 -21.54
CA GLN D 102 -11.83 14.76 -20.46
C GLN D 102 -12.79 13.62 -20.15
N GLN D 103 -14.05 13.73 -20.60
CA GLN D 103 -14.95 12.59 -20.53
C GLN D 103 -14.53 11.51 -21.50
N TRP D 104 -14.07 11.90 -22.69
CA TRP D 104 -13.54 10.93 -23.64
C TRP D 104 -12.20 10.37 -23.17
N MET D 105 -11.36 11.21 -22.57
CA MET D 105 -10.02 10.81 -22.17
C MET D 105 -10.00 9.86 -20.97
N SER D 106 -11.13 9.72 -20.28
CA SER D 106 -11.23 8.81 -19.15
C SER D 106 -11.36 7.35 -19.56
N GLU D 107 -11.44 7.07 -20.86
CA GLU D 107 -11.71 5.75 -21.44
C GLU D 107 -13.00 5.15 -20.89
N SER D 108 -14.02 5.99 -20.78
CA SER D 108 -15.37 5.55 -20.45
C SER D 108 -16.09 5.14 -21.71
N THR D 109 -16.88 4.07 -21.61
CA THR D 109 -17.69 3.66 -22.74
C THR D 109 -18.91 4.54 -22.88
N PHE D 110 -19.07 5.08 -24.08
CA PHE D 110 -20.27 5.81 -24.46
C PHE D 110 -21.09 4.88 -25.33
N THR D 111 -22.33 4.66 -24.95
CA THR D 111 -23.20 3.65 -25.52
C THR D 111 -24.43 4.33 -26.08
N CYS D 112 -24.79 4.02 -27.32
CA CYS D 112 -26.08 4.43 -27.84
C CYS D 112 -27.01 3.22 -27.86
N LYS D 113 -28.15 3.38 -27.20
CA LYS D 113 -29.22 2.40 -27.15
C LYS D 113 -30.28 2.81 -28.15
N VAL D 114 -30.55 1.95 -29.12
CA VAL D 114 -31.52 2.21 -30.16
C VAL D 114 -32.72 1.32 -29.89
N THR D 115 -33.85 1.92 -29.54
CA THR D 115 -35.08 1.19 -29.32
C THR D 115 -35.92 1.31 -30.58
N SER D 116 -36.23 0.17 -31.18
CA SER D 116 -37.06 0.09 -32.38
C SER D 116 -37.94 -1.14 -32.26
N GLN D 117 -39.26 -0.93 -32.40
CA GLN D 117 -40.29 -1.96 -32.25
C GLN D 117 -40.23 -2.66 -30.90
N GLY D 118 -39.86 -1.94 -29.86
CA GLY D 118 -39.69 -2.57 -28.56
C GLY D 118 -38.46 -3.44 -28.43
N GLU D 119 -37.52 -3.36 -29.37
CA GLU D 119 -36.29 -4.12 -29.34
C GLU D 119 -35.12 -3.18 -29.16
N ASN D 120 -34.17 -3.56 -28.32
CA ASN D 120 -33.03 -2.72 -27.97
C ASN D 120 -31.79 -3.22 -28.68
N TYR D 121 -31.17 -2.34 -29.46
CA TYR D 121 -29.91 -2.57 -30.14
C TYR D 121 -28.86 -1.63 -29.56
N TRP D 122 -27.61 -2.06 -29.60
CA TRP D 122 -26.59 -1.41 -28.79
C TRP D 122 -25.38 -1.09 -29.64
N ALA D 123 -24.76 0.06 -29.39
CA ALA D 123 -23.41 0.30 -29.88
C ALA D 123 -22.61 0.95 -28.77
N HIS D 124 -21.33 0.59 -28.70
CA HIS D 124 -20.45 1.02 -27.63
C HIS D 124 -19.18 1.60 -28.22
N THR D 125 -18.58 2.57 -27.53
CA THR D 125 -17.28 3.07 -27.94
C THR D 125 -16.46 3.46 -26.71
N ARG D 126 -15.15 3.34 -26.84
CA ARG D 126 -14.17 3.77 -25.85
C ARG D 126 -13.10 4.59 -26.54
N ARG D 127 -12.27 5.26 -25.76
CA ARG D 127 -10.99 5.64 -26.31
C ARG D 127 -10.14 4.39 -26.49
N CYS D 128 -9.51 4.28 -27.65
CA CYS D 128 -8.74 3.09 -28.00
C CYS D 128 -7.48 3.03 -27.17
N SER D 129 -7.39 2.06 -26.27
CA SER D 129 -6.21 1.86 -25.45
C SER D 129 -5.58 0.51 -25.75
N ASP D 130 -4.48 0.24 -25.08
CA ASP D 130 -3.73 -1.01 -25.28
C ASP D 130 -4.35 -2.12 -24.44
N ASP D 131 -3.62 -3.23 -24.30
CA ASP D 131 -4.11 -4.46 -23.68
C ASP D 131 -3.69 -4.57 -22.22
N GLU D 132 -3.65 -3.47 -21.49
CA GLU D 132 -3.33 -3.55 -20.06
C GLU D 132 -4.50 -4.17 -19.29
N PRO D 133 -4.24 -5.06 -18.33
CA PRO D 133 -5.33 -5.72 -17.59
C PRO D 133 -5.90 -4.87 -16.47
N ARG D 134 -6.88 -4.02 -16.79
CA ARG D 134 -7.47 -3.03 -15.89
C ARG D 134 -7.91 -3.62 -14.55
N GLY D 135 -7.37 -3.08 -13.47
CA GLY D 135 -7.45 -3.71 -12.18
C GLY D 135 -8.83 -3.65 -11.56
N VAL D 136 -8.97 -4.42 -10.49
CA VAL D 136 -10.26 -4.66 -9.84
C VAL D 136 -10.41 -3.70 -8.67
N ILE D 137 -11.51 -2.96 -8.63
CA ILE D 137 -11.73 -1.96 -7.58
C ILE D 137 -12.83 -2.47 -6.67
N THR D 138 -12.56 -2.55 -5.38
CA THR D 138 -13.53 -3.02 -4.40
C THR D 138 -13.90 -1.88 -3.45
N TYR D 139 -15.19 -1.60 -3.35
CA TYR D 139 -15.73 -0.69 -2.35
C TYR D 139 -16.58 -1.44 -1.34
N LEU D 140 -16.32 -1.23 -0.07
CA LEU D 140 -17.17 -1.75 1.00
C LEU D 140 -18.00 -0.59 1.53
N ILE D 141 -19.32 -0.72 1.46
CA ILE D 141 -20.25 0.37 1.65
C ILE D 141 -21.10 0.05 2.87
N PRO D 142 -21.15 0.94 3.86
CA PRO D 142 -21.84 0.66 5.12
C PRO D 142 -23.35 0.73 4.93
N PRO D 143 -24.14 0.15 5.85
CA PRO D 143 -25.59 0.26 5.70
C PRO D 143 -26.08 1.66 5.97
N SER D 144 -27.20 2.00 5.34
CA SER D 144 -27.80 3.30 5.55
C SER D 144 -28.39 3.37 6.96
N PRO D 145 -28.41 4.57 7.57
CA PRO D 145 -29.08 4.73 8.87
C PRO D 145 -30.57 4.48 8.82
N LEU D 146 -31.20 4.65 7.66
CA LEU D 146 -32.60 4.26 7.49
C LEU D 146 -32.80 2.78 7.72
N ASP D 147 -31.89 1.96 7.17
CA ASP D 147 -31.95 0.52 7.42
C ASP D 147 -31.47 0.18 8.83
N LEU D 148 -30.54 0.96 9.37
CA LEU D 148 -29.96 0.64 10.68
C LEU D 148 -30.93 0.90 11.82
N TYR D 149 -31.61 2.04 11.80
CA TYR D 149 -32.38 2.49 12.96
C TYR D 149 -33.86 2.72 12.69
N GLU D 150 -34.32 2.63 11.45
CA GLU D 150 -35.74 2.77 11.16
C GLU D 150 -36.37 1.50 10.59
N ASN D 151 -35.81 0.97 9.50
CA ASN D 151 -36.30 -0.31 8.99
C ASN D 151 -35.84 -1.48 9.84
N GLY D 152 -34.70 -1.36 10.50
CA GLY D 152 -34.18 -2.44 11.30
C GLY D 152 -33.53 -3.56 10.53
N THR D 153 -33.27 -3.39 9.23
CA THR D 153 -32.64 -4.41 8.39
C THR D 153 -31.41 -3.85 7.68
N PRO D 154 -30.32 -3.63 8.43
CA PRO D 154 -29.12 -3.06 7.80
C PRO D 154 -28.40 -4.09 6.96
N LYS D 155 -27.89 -3.65 5.81
CA LYS D 155 -27.20 -4.51 4.87
C LYS D 155 -25.91 -3.82 4.44
N LEU D 156 -24.78 -4.47 4.68
CA LEU D 156 -23.52 -4.04 4.08
C LEU D 156 -23.49 -4.44 2.62
N THR D 157 -22.75 -3.68 1.81
CA THR D 157 -22.58 -4.14 0.43
C THR D 157 -21.15 -3.96 -0.06
N CYS D 158 -20.65 -5.02 -0.68
CA CYS D 158 -19.30 -5.05 -1.22
C CYS D 158 -19.43 -5.06 -2.73
N LEU D 159 -19.00 -3.96 -3.35
CA LEU D 159 -19.13 -3.74 -4.78
C LEU D 159 -17.76 -4.00 -5.40
N VAL D 160 -17.70 -4.98 -6.30
CA VAL D 160 -16.46 -5.42 -6.93
C VAL D 160 -16.56 -5.06 -8.40
N LEU D 161 -15.64 -4.23 -8.88
CA LEU D 161 -15.77 -3.62 -10.18
C LEU D 161 -14.55 -3.90 -11.04
N ASP D 162 -14.79 -3.78 -12.36
CA ASP D 162 -13.79 -3.91 -13.41
C ASP D 162 -13.16 -5.29 -13.42
N LEU D 163 -14.02 -6.29 -13.27
CA LEU D 163 -13.68 -7.68 -13.52
C LEU D 163 -13.94 -7.96 -15.00
N GLU D 164 -13.01 -8.66 -15.64
CA GLU D 164 -13.24 -9.03 -17.03
C GLU D 164 -14.30 -10.11 -17.18
N SER D 165 -14.54 -10.90 -16.13
CA SER D 165 -15.62 -11.87 -16.11
C SER D 165 -16.02 -12.14 -14.66
N GLU D 166 -17.23 -12.67 -14.50
CA GLU D 166 -17.70 -13.11 -13.19
C GLU D 166 -16.88 -14.29 -12.68
N GLU D 167 -16.47 -15.17 -13.58
CA GLU D 167 -16.09 -16.54 -13.24
C GLU D 167 -14.83 -16.59 -12.41
N ASN D 168 -14.83 -17.49 -11.42
CA ASN D 168 -13.80 -17.81 -10.43
C ASN D 168 -13.58 -16.72 -9.39
N ILE D 169 -14.45 -15.72 -9.29
CA ILE D 169 -14.40 -14.75 -8.18
C ILE D 169 -15.23 -15.28 -7.03
N THR D 170 -14.62 -15.36 -5.84
CA THR D 170 -15.32 -15.69 -4.62
C THR D 170 -15.27 -14.50 -3.68
N VAL D 171 -16.44 -14.06 -3.23
CA VAL D 171 -16.57 -12.93 -2.31
C VAL D 171 -16.98 -13.48 -0.96
N THR D 172 -16.10 -13.33 0.03
CA THR D 172 -16.36 -13.84 1.38
C THR D 172 -16.45 -12.69 2.36
N TRP D 173 -17.19 -12.91 3.43
CA TRP D 173 -17.39 -11.94 4.49
C TRP D 173 -16.88 -12.52 5.80
N VAL D 174 -16.10 -11.75 6.54
CA VAL D 174 -15.68 -12.15 7.88
C VAL D 174 -16.00 -11.04 8.86
N ARG D 175 -16.44 -11.42 10.05
CA ARG D 175 -16.68 -10.51 11.15
C ARG D 175 -15.43 -10.42 12.01
N GLU D 176 -15.56 -9.83 13.20
CA GLU D 176 -14.46 -9.80 14.16
C GLU D 176 -14.80 -10.53 15.46
N ARG D 177 -15.98 -10.31 16.02
CA ARG D 177 -16.33 -10.91 17.31
C ARG D 177 -17.02 -12.26 17.16
N LYS D 178 -18.19 -12.27 16.52
CA LYS D 178 -19.01 -13.47 16.49
C LYS D 178 -18.72 -14.28 15.22
N LYS D 179 -19.41 -15.41 15.09
CA LYS D 179 -19.28 -16.27 13.93
C LYS D 179 -20.56 -16.44 13.14
N SER D 180 -21.69 -15.97 13.66
CA SER D 180 -22.99 -16.15 12.99
C SER D 180 -23.09 -15.14 11.85
N ILE D 181 -22.45 -15.49 10.73
CA ILE D 181 -22.48 -14.68 9.52
C ILE D 181 -23.74 -15.03 8.75
N GLY D 182 -24.51 -14.01 8.38
CA GLY D 182 -25.73 -14.23 7.63
C GLY D 182 -25.47 -14.69 6.21
N SER D 183 -26.55 -15.13 5.57
CA SER D 183 -26.48 -15.60 4.19
C SER D 183 -26.29 -14.40 3.27
N ALA D 184 -25.06 -14.20 2.81
CA ALA D 184 -24.72 -13.06 1.96
C ALA D 184 -25.19 -13.34 0.54
N SER D 185 -26.19 -12.59 0.09
CA SER D 185 -26.62 -12.69 -1.28
C SER D 185 -25.58 -12.04 -2.19
N GLN D 186 -25.60 -12.42 -3.46
CA GLN D 186 -24.61 -11.89 -4.40
C GLN D 186 -25.23 -11.85 -5.78
N ARG D 187 -25.23 -10.68 -6.40
CA ARG D 187 -25.70 -10.53 -7.77
C ARG D 187 -24.56 -9.99 -8.62
N SER D 188 -24.75 -10.09 -9.93
CA SER D 188 -23.72 -9.72 -10.88
C SER D 188 -24.32 -8.95 -12.03
N THR D 189 -23.59 -7.95 -12.50
CA THR D 189 -24.03 -7.10 -13.60
C THR D 189 -22.97 -7.14 -14.69
N LYS D 190 -23.40 -7.36 -15.92
CA LYS D 190 -22.54 -7.21 -17.07
C LYS D 190 -22.77 -5.81 -17.64
N HIS D 191 -21.77 -4.96 -17.52
CA HIS D 191 -21.91 -3.57 -17.90
C HIS D 191 -21.68 -3.40 -19.40
N HIS D 192 -21.92 -2.18 -19.88
CA HIS D 192 -21.75 -1.88 -21.30
C HIS D 192 -20.29 -1.77 -21.68
N ASN D 193 -19.42 -1.52 -20.71
CA ASN D 193 -17.99 -1.38 -20.90
C ASN D 193 -17.24 -2.70 -20.78
N ALA D 194 -17.93 -3.83 -20.98
CA ALA D 194 -17.41 -5.19 -20.96
C ALA D 194 -16.72 -5.55 -19.65
N THR D 195 -17.09 -4.87 -18.57
CA THR D 195 -16.61 -5.22 -17.24
C THR D 195 -17.78 -5.77 -16.44
N THR D 196 -17.50 -6.77 -15.62
CA THR D 196 -18.51 -7.41 -14.81
C THR D 196 -18.36 -6.91 -13.38
N SER D 197 -19.46 -6.48 -12.79
CA SER D 197 -19.48 -6.10 -11.39
C SER D 197 -20.16 -7.19 -10.58
N ILE D 198 -19.69 -7.37 -9.35
CA ILE D 198 -20.30 -8.30 -8.41
C ILE D 198 -20.65 -7.52 -7.16
N THR D 199 -21.94 -7.45 -6.85
CA THR D 199 -22.44 -6.74 -5.69
C THR D 199 -22.90 -7.80 -4.70
N SER D 200 -22.20 -7.92 -3.58
CA SER D 200 -22.53 -8.89 -2.56
C SER D 200 -23.14 -8.15 -1.37
N ILE D 201 -24.37 -8.50 -1.03
CA ILE D 201 -25.12 -7.88 0.05
C ILE D 201 -25.02 -8.80 1.25
N LEU D 202 -24.50 -8.30 2.37
CA LEU D 202 -24.49 -9.06 3.60
C LEU D 202 -25.49 -8.45 4.56
N PRO D 203 -26.59 -9.14 4.89
CA PRO D 203 -27.48 -8.64 5.93
C PRO D 203 -26.83 -8.74 7.30
N VAL D 204 -26.76 -7.63 8.01
CA VAL D 204 -26.12 -7.57 9.31
C VAL D 204 -27.18 -7.27 10.36
N ASP D 205 -26.84 -7.56 11.62
CA ASP D 205 -27.66 -7.16 12.74
C ASP D 205 -27.32 -5.72 13.11
N ALA D 206 -28.34 -4.96 13.50
CA ALA D 206 -28.15 -3.55 13.78
C ALA D 206 -27.29 -3.34 15.03
N LYS D 207 -27.65 -3.99 16.13
CA LYS D 207 -27.02 -3.77 17.44
C LYS D 207 -25.54 -4.11 17.44
N ASP D 208 -25.11 -5.06 16.59
CA ASP D 208 -23.69 -5.27 16.37
C ASP D 208 -23.04 -4.04 15.72
N TRP D 209 -23.76 -3.36 14.82
CA TRP D 209 -23.18 -2.20 14.15
C TRP D 209 -23.17 -0.97 15.05
N ILE D 210 -24.18 -0.78 15.92
CA ILE D 210 -24.07 0.27 16.93
C ILE D 210 -22.94 -0.05 17.91
N GLU D 211 -22.83 -1.32 18.34
CA GLU D 211 -21.81 -1.69 19.30
C GLU D 211 -20.39 -1.63 18.72
N GLY D 212 -20.24 -1.63 17.41
CA GLY D 212 -18.94 -1.40 16.80
C GLY D 212 -18.30 -2.62 16.20
N GLU D 213 -19.11 -3.49 15.59
CA GLU D 213 -18.58 -4.66 14.91
C GLU D 213 -17.86 -4.25 13.64
N GLY D 214 -16.64 -4.76 13.45
CA GLY D 214 -15.89 -4.49 12.25
C GLY D 214 -15.95 -5.62 11.25
N TYR D 215 -16.74 -5.45 10.20
CA TYR D 215 -16.86 -6.49 9.18
C TYR D 215 -15.80 -6.29 8.10
N GLN D 216 -15.72 -7.26 7.19
CA GLN D 216 -14.60 -7.28 6.26
C GLN D 216 -14.99 -8.12 5.05
N CYS D 217 -14.72 -7.58 3.86
CA CYS D 217 -15.04 -8.22 2.59
C CYS D 217 -13.74 -8.61 1.90
N ARG D 218 -13.60 -9.89 1.55
CA ARG D 218 -12.45 -10.39 0.82
C ARG D 218 -12.90 -10.89 -0.54
N VAL D 219 -12.23 -10.43 -1.59
CA VAL D 219 -12.52 -10.83 -2.96
C VAL D 219 -11.32 -11.64 -3.45
N ASP D 220 -11.57 -12.87 -3.89
CA ASP D 220 -10.50 -13.78 -4.27
C ASP D 220 -10.70 -14.27 -5.69
N HIS D 221 -9.60 -14.35 -6.43
CA HIS D 221 -9.51 -14.92 -7.76
C HIS D 221 -8.27 -15.79 -7.79
N PRO D 222 -8.25 -16.82 -8.65
CA PRO D 222 -6.99 -17.56 -8.87
C PRO D 222 -5.85 -16.72 -9.41
N HIS D 223 -6.13 -15.69 -10.22
CA HIS D 223 -5.09 -14.80 -10.71
C HIS D 223 -4.73 -13.70 -9.72
N PHE D 224 -5.41 -13.61 -8.58
CA PHE D 224 -5.00 -12.63 -7.59
C PHE D 224 -3.82 -13.16 -6.79
N PRO D 225 -2.88 -12.31 -6.39
CA PRO D 225 -1.86 -12.72 -5.42
C PRO D 225 -2.47 -13.05 -4.06
N LYS D 226 -3.12 -12.08 -3.47
CA LYS D 226 -3.86 -12.20 -2.22
C LYS D 226 -5.24 -11.61 -2.46
N PRO D 227 -6.24 -11.98 -1.64
CA PRO D 227 -7.56 -11.38 -1.80
C PRO D 227 -7.57 -9.87 -1.59
N ILE D 228 -8.34 -9.18 -2.43
CA ILE D 228 -8.58 -7.75 -2.27
C ILE D 228 -9.51 -7.60 -1.07
N VAL D 229 -9.01 -6.97 -0.01
CA VAL D 229 -9.67 -6.97 1.28
C VAL D 229 -10.02 -5.54 1.66
N ARG D 230 -11.29 -5.29 1.93
CA ARG D 230 -11.74 -4.04 2.51
C ARG D 230 -12.32 -4.33 3.89
N SER D 231 -12.00 -3.48 4.86
CA SER D 231 -12.54 -3.62 6.20
C SER D 231 -13.35 -2.37 6.54
N ILE D 232 -14.41 -2.56 7.33
CA ILE D 232 -15.31 -1.46 7.67
C ILE D 232 -15.84 -1.63 9.09
N THR D 233 -16.23 -0.51 9.66
CA THR D 233 -16.87 -0.40 10.96
C THR D 233 -17.59 0.93 10.99
N LYS D 234 -18.23 1.24 12.12
CA LYS D 234 -18.82 2.57 12.27
C LYS D 234 -17.70 3.61 12.37
N ALA D 235 -18.01 4.82 11.92
CA ALA D 235 -17.00 5.87 11.81
C ALA D 235 -16.59 6.34 13.19
N PRO D 236 -15.30 6.26 13.56
CA PRO D 236 -14.90 6.58 14.93
C PRO D 236 -14.89 8.09 15.18
N GLY D 237 -15.27 8.45 16.39
CA GLY D 237 -15.29 9.83 16.80
C GLY D 237 -16.33 10.06 17.88
N LYS D 238 -16.42 11.31 18.31
CA LYS D 238 -17.36 11.69 19.35
C LYS D 238 -18.74 11.89 18.74
N ARG D 239 -19.71 11.09 19.19
CA ARG D 239 -21.05 11.14 18.64
C ARG D 239 -21.75 12.44 19.03
N SER D 240 -22.57 12.95 18.12
CA SER D 240 -23.28 14.20 18.31
C SER D 240 -24.63 14.12 17.62
N ALA D 241 -25.70 14.41 18.36
CA ALA D 241 -27.03 14.38 17.79
C ALA D 241 -27.22 15.58 16.87
N PRO D 242 -27.73 15.37 15.66
CA PRO D 242 -28.04 16.51 14.78
C PRO D 242 -29.23 17.29 15.33
N GLU D 243 -29.11 18.61 15.29
CA GLU D 243 -30.29 19.46 15.40
C GLU D 243 -30.67 19.92 14.01
N VAL D 244 -31.95 19.76 13.68
CA VAL D 244 -32.43 20.03 12.33
C VAL D 244 -33.45 21.16 12.42
N TYR D 245 -33.42 22.02 11.42
CA TYR D 245 -34.31 23.16 11.33
C TYR D 245 -34.87 23.22 9.93
N VAL D 246 -36.19 23.36 9.81
CA VAL D 246 -36.84 23.41 8.52
C VAL D 246 -37.32 24.83 8.30
N PHE D 247 -36.89 25.44 7.20
CA PHE D 247 -37.25 26.78 6.85
C PHE D 247 -38.41 26.79 5.87
N LEU D 248 -39.23 27.83 5.96
CA LEU D 248 -40.32 28.04 5.05
C LEU D 248 -39.78 28.39 3.67
N PRO D 249 -40.59 28.26 2.62
CA PRO D 249 -40.30 28.95 1.38
C PRO D 249 -40.23 30.45 1.62
N PRO D 250 -39.29 31.14 0.98
CA PRO D 250 -39.01 32.54 1.34
C PRO D 250 -40.16 33.49 1.04
N GLU D 251 -40.21 34.58 1.81
CA GLU D 251 -41.33 35.51 1.77
C GLU D 251 -41.41 36.29 0.48
N GLU D 252 -40.29 36.46 -0.23
CA GLU D 252 -40.29 37.10 -1.54
C GLU D 252 -40.71 36.17 -2.66
N GLU D 253 -40.87 34.87 -2.39
CA GLU D 253 -41.18 33.88 -3.42
C GLU D 253 -42.69 33.91 -3.67
N GLU D 254 -43.10 34.62 -4.72
CA GLU D 254 -44.44 34.49 -5.27
C GLU D 254 -44.42 33.75 -6.61
N LYS D 255 -43.39 32.94 -6.83
CA LYS D 255 -43.18 32.24 -8.09
C LYS D 255 -44.02 30.96 -8.11
N ASP D 256 -43.74 30.09 -9.09
CA ASP D 256 -44.53 28.88 -9.30
C ASP D 256 -43.89 27.64 -8.68
N LYS D 257 -42.81 27.79 -7.92
CA LYS D 257 -42.20 26.67 -7.22
C LYS D 257 -41.82 27.12 -5.82
N ARG D 258 -41.87 26.19 -4.86
CA ARG D 258 -41.58 26.50 -3.46
C ARG D 258 -40.48 25.57 -2.97
N THR D 259 -39.42 26.16 -2.43
CA THR D 259 -38.25 25.41 -1.97
C THR D 259 -38.30 25.25 -0.46
N LEU D 260 -38.11 24.03 0.01
CA LEU D 260 -38.10 23.69 1.42
C LEU D 260 -36.70 23.26 1.81
N THR D 261 -36.18 23.85 2.88
CA THR D 261 -34.82 23.61 3.33
C THR D 261 -34.85 22.97 4.70
N CYS D 262 -34.10 21.90 4.86
CA CYS D 262 -33.87 21.26 6.14
C CYS D 262 -32.37 21.38 6.41
N LEU D 263 -31.99 22.33 7.26
CA LEU D 263 -30.62 22.45 7.72
C LEU D 263 -30.41 21.43 8.83
N ILE D 264 -29.45 20.53 8.62
CA ILE D 264 -29.21 19.43 9.53
C ILE D 264 -27.79 19.62 10.01
N GLN D 265 -27.62 19.85 11.31
CA GLN D 265 -26.44 20.55 11.77
C GLN D 265 -25.89 19.88 13.02
N ASN D 266 -24.56 19.89 13.11
CA ASN D 266 -23.81 19.57 14.33
C ASN D 266 -24.03 18.08 14.66
N PHE D 267 -23.61 17.23 13.73
CA PHE D 267 -23.69 15.79 13.93
C PHE D 267 -22.39 15.10 13.55
N PHE D 268 -22.12 14.00 14.23
CA PHE D 268 -21.05 13.09 13.86
C PHE D 268 -21.59 11.70 14.16
N PRO D 269 -21.42 10.73 13.25
CA PRO D 269 -20.72 10.79 11.97
C PRO D 269 -21.56 11.35 10.84
N GLU D 270 -20.99 11.45 9.64
CA GLU D 270 -21.72 11.96 8.49
C GLU D 270 -22.74 10.97 7.93
N ASP D 271 -22.74 9.73 8.39
CA ASP D 271 -23.71 8.75 7.96
C ASP D 271 -25.07 9.10 8.56
N ILE D 272 -25.97 9.58 7.71
CA ILE D 272 -27.26 10.10 8.15
C ILE D 272 -28.26 9.86 7.04
N SER D 273 -29.52 9.65 7.40
CA SER D 273 -30.57 9.39 6.43
C SER D 273 -31.64 10.45 6.56
N VAL D 274 -32.06 11.01 5.43
CA VAL D 274 -33.00 12.13 5.42
C VAL D 274 -34.14 11.77 4.47
N GLN D 275 -35.37 11.81 4.99
CA GLN D 275 -36.55 11.68 4.16
C GLN D 275 -37.44 12.89 4.32
N TRP D 276 -38.23 13.15 3.29
CA TRP D 276 -39.26 14.16 3.34
C TRP D 276 -40.61 13.48 3.35
N LEU D 277 -41.54 14.03 4.12
CA LEU D 277 -42.84 13.44 4.36
C LEU D 277 -43.89 14.48 4.02
N GLN D 278 -44.70 14.18 3.01
CA GLN D 278 -45.84 15.00 2.62
C GLN D 278 -47.08 14.38 3.25
N ASP D 279 -47.59 15.03 4.30
CA ASP D 279 -48.74 14.58 5.09
C ASP D 279 -48.54 13.16 5.62
N SER D 280 -47.34 12.93 6.17
CA SER D 280 -46.83 11.65 6.66
C SER D 280 -46.75 10.57 5.59
N LYS D 281 -46.75 10.94 4.31
CA LYS D 281 -46.49 10.02 3.21
C LYS D 281 -45.06 10.24 2.75
N LEU D 282 -44.32 9.15 2.56
CA LEU D 282 -42.90 9.27 2.22
C LEU D 282 -42.73 9.79 0.80
N ILE D 283 -41.77 10.70 0.62
CA ILE D 283 -41.45 11.28 -0.67
C ILE D 283 -40.24 10.51 -1.20
N PRO D 284 -40.24 10.09 -2.46
CA PRO D 284 -39.06 9.42 -3.03
C PRO D 284 -37.86 10.34 -3.10
N LYS D 285 -36.68 9.72 -3.08
CA LYS D 285 -35.42 10.46 -3.06
C LYS D 285 -35.12 11.20 -4.36
N SER D 286 -35.86 10.95 -5.43
CA SER D 286 -35.62 11.68 -6.67
C SER D 286 -36.17 13.10 -6.60
N GLN D 287 -37.16 13.35 -5.76
CA GLN D 287 -37.82 14.65 -5.70
C GLN D 287 -37.16 15.63 -4.75
N HIS D 288 -36.19 15.18 -3.95
CA HIS D 288 -35.45 16.07 -3.08
C HIS D 288 -33.96 15.78 -3.20
N SER D 289 -33.15 16.78 -2.93
CA SER D 289 -31.71 16.66 -3.06
C SER D 289 -31.05 17.06 -1.75
N THR D 290 -30.05 16.29 -1.34
CA THR D 290 -29.34 16.51 -0.08
C THR D 290 -27.88 16.80 -0.39
N THR D 291 -27.36 17.89 0.17
CA THR D 291 -25.97 18.26 -0.07
C THR D 291 -25.03 17.29 0.64
N THR D 292 -23.80 17.23 0.13
CA THR D 292 -22.76 16.39 0.73
C THR D 292 -22.36 16.96 2.09
N PRO D 293 -22.01 16.11 3.04
CA PRO D 293 -21.69 16.61 4.40
C PRO D 293 -20.42 17.44 4.42
N LEU D 294 -20.52 18.61 5.03
CA LEU D 294 -19.39 19.51 5.19
C LEU D 294 -19.00 19.55 6.66
N LYS D 295 -17.71 19.38 6.93
CA LYS D 295 -17.18 19.30 8.27
C LYS D 295 -16.86 20.70 8.79
N TYR D 296 -17.02 20.87 10.10
CA TYR D 296 -16.70 22.12 10.79
C TYR D 296 -16.52 21.84 12.28
N ASN D 297 -16.31 22.93 13.03
CA ASN D 297 -15.88 23.10 14.43
C ASN D 297 -14.41 22.79 14.67
N GLY D 298 -13.63 22.39 13.66
CA GLY D 298 -12.18 22.35 13.79
C GLY D 298 -11.62 21.33 14.77
N SER D 299 -11.68 20.05 14.38
CA SER D 299 -11.27 18.84 15.11
C SER D 299 -12.20 18.50 16.26
N ASN D 300 -13.25 19.30 16.51
CA ASN D 300 -14.40 18.81 17.26
C ASN D 300 -15.31 17.95 16.39
N GLN D 301 -15.11 17.98 15.07
CA GLN D 301 -15.63 17.02 14.10
C GLN D 301 -17.16 16.98 14.09
N ARG D 302 -17.75 18.08 13.64
CA ARG D 302 -19.19 18.09 13.44
C ARG D 302 -19.46 18.30 11.96
N PHE D 303 -20.64 17.88 11.52
CA PHE D 303 -21.00 17.93 10.11
C PHE D 303 -22.31 18.68 9.92
N PHE D 304 -22.50 19.21 8.72
CA PHE D 304 -23.82 19.70 8.36
C PHE D 304 -24.15 19.30 6.93
N ILE D 305 -25.43 19.09 6.69
CA ILE D 305 -26.00 18.93 5.35
C ILE D 305 -27.23 19.82 5.25
N PHE D 306 -27.65 20.04 4.01
CA PHE D 306 -28.91 20.68 3.71
C PHE D 306 -29.72 19.73 2.86
N SER D 307 -30.95 19.47 3.26
CA SER D 307 -31.88 18.72 2.44
C SER D 307 -32.79 19.72 1.75
N ARG D 308 -32.84 19.68 0.43
CA ARG D 308 -33.63 20.63 -0.33
C ARG D 308 -34.72 19.90 -1.09
N LEU D 309 -35.96 20.25 -0.84
CA LEU D 309 -37.12 19.70 -1.53
C LEU D 309 -37.86 20.84 -2.19
N GLU D 310 -37.77 20.95 -3.51
CA GLU D 310 -38.51 21.97 -4.22
C GLU D 310 -39.77 21.36 -4.79
N VAL D 311 -40.92 21.75 -4.25
CA VAL D 311 -42.20 21.29 -4.71
C VAL D 311 -42.80 22.37 -5.62
N THR D 312 -43.88 22.03 -6.31
CA THR D 312 -44.56 23.04 -7.10
C THR D 312 -45.37 23.96 -6.18
N LYS D 313 -45.82 25.09 -6.74
CA LYS D 313 -46.67 25.99 -5.99
C LYS D 313 -48.03 25.35 -5.71
N ALA D 314 -48.53 24.55 -6.64
CA ALA D 314 -49.80 23.85 -6.44
C ALA D 314 -49.70 22.84 -5.32
N LEU D 315 -48.58 22.10 -5.25
CA LEU D 315 -48.41 21.11 -4.20
C LEU D 315 -48.18 21.75 -2.83
N TRP D 316 -47.73 23.00 -2.79
CA TRP D 316 -47.54 23.72 -1.54
C TRP D 316 -48.82 24.40 -1.06
N THR D 317 -49.60 24.98 -1.98
CA THR D 317 -50.78 25.74 -1.61
C THR D 317 -51.99 24.88 -1.29
N GLN D 318 -51.86 23.55 -1.36
CA GLN D 318 -52.98 22.64 -1.08
C GLN D 318 -53.00 22.17 0.36
N THR D 319 -52.58 23.03 1.29
CA THR D 319 -52.50 22.85 2.76
C THR D 319 -52.03 21.45 3.18
N LYS D 320 -50.88 21.06 2.64
CA LYS D 320 -50.16 19.89 3.14
C LYS D 320 -49.43 20.20 4.44
N GLN D 321 -48.60 19.26 4.86
CA GLN D 321 -47.80 19.36 6.08
C GLN D 321 -46.51 18.59 5.82
N PHE D 322 -45.44 19.32 5.50
CA PHE D 322 -44.20 18.66 5.17
C PHE D 322 -43.38 18.40 6.44
N THR D 323 -42.51 17.39 6.34
CA THR D 323 -41.75 16.94 7.49
C THR D 323 -40.38 16.48 7.00
N CYS D 324 -39.32 16.93 7.67
CA CYS D 324 -37.97 16.47 7.37
C CYS D 324 -37.58 15.45 8.44
N ARG D 325 -37.78 14.18 8.13
CA ARG D 325 -37.43 13.11 9.04
C ARG D 325 -35.95 12.80 8.90
N VAL D 326 -35.24 12.79 10.02
CA VAL D 326 -33.79 12.61 10.05
C VAL D 326 -33.48 11.45 10.97
N ILE D 327 -32.84 10.42 10.42
CA ILE D 327 -32.37 9.27 11.19
C ILE D 327 -30.85 9.35 11.27
N HIS D 328 -30.34 9.48 12.48
CA HIS D 328 -28.92 9.51 12.75
C HIS D 328 -28.62 8.52 13.87
N GLU D 329 -27.34 8.13 13.94
CA GLU D 329 -26.89 7.18 14.96
C GLU D 329 -27.01 7.77 16.36
N ALA D 330 -26.60 9.04 16.53
CA ALA D 330 -26.44 9.63 17.85
C ALA D 330 -27.70 10.29 18.38
N LEU D 331 -28.86 9.92 17.87
CA LEU D 331 -30.11 10.48 18.36
C LEU D 331 -30.69 9.63 19.48
N ARG D 332 -31.62 10.21 20.24
CA ARG D 332 -32.38 9.46 21.22
C ARG D 332 -33.35 8.51 20.52
N GLU D 333 -33.61 7.37 21.15
CA GLU D 333 -34.43 6.32 20.55
C GLU D 333 -35.87 6.79 20.38
N PRO D 334 -36.55 6.43 19.27
CA PRO D 334 -36.17 5.50 18.19
C PRO D 334 -35.36 6.08 17.03
N ARG D 335 -34.50 7.07 17.33
CA ARG D 335 -33.47 7.59 16.43
C ARG D 335 -34.07 8.21 15.17
N LYS D 336 -35.19 8.90 15.32
CA LYS D 336 -35.67 9.80 14.30
C LYS D 336 -36.07 11.10 14.98
N LEU D 337 -35.81 12.22 14.30
CA LEU D 337 -36.13 13.54 14.85
C LEU D 337 -36.70 14.36 13.70
N GLU D 338 -38.00 14.66 13.79
CA GLU D 338 -38.77 15.24 12.71
C GLU D 338 -39.16 16.67 13.03
N ARG D 339 -39.37 17.48 11.99
CA ARG D 339 -39.81 18.86 12.14
C ARG D 339 -41.03 19.13 11.30
N THR D 340 -42.13 19.48 11.95
CA THR D 340 -43.34 19.98 11.30
C THR D 340 -43.05 21.27 10.54
N ILE D 341 -43.52 21.34 9.30
CA ILE D 341 -43.69 22.63 8.63
C ILE D 341 -45.03 22.61 7.91
N SER D 342 -45.79 23.69 8.03
CA SER D 342 -47.10 23.81 7.41
C SER D 342 -47.30 25.24 6.92
N LYS D 343 -48.08 25.37 5.86
CA LYS D 343 -48.37 26.68 5.29
C LYS D 343 -49.27 27.49 6.21
N SER D 344 -50.31 26.85 6.76
CA SER D 344 -51.32 27.56 7.52
C SER D 344 -50.80 28.02 8.88
N LEU D 345 -49.97 27.21 9.53
CA LEU D 345 -49.46 27.54 10.85
C LEU D 345 -48.01 28.02 10.77
N THR E 29 -20.01 26.19 -54.35
CA THR E 29 -20.48 25.57 -53.12
C THR E 29 -19.32 25.07 -52.27
N LYS E 30 -19.45 25.22 -50.95
CA LYS E 30 -18.44 24.75 -50.02
C LYS E 30 -18.96 23.52 -49.29
N PRO E 31 -18.46 22.32 -49.60
CA PRO E 31 -18.86 21.13 -48.83
C PRO E 31 -18.37 21.19 -47.40
N THR E 32 -19.21 20.70 -46.49
CA THR E 32 -18.86 20.58 -45.08
C THR E 32 -18.21 19.22 -44.87
N VAL E 33 -16.89 19.21 -44.69
CA VAL E 33 -16.17 17.96 -44.56
C VAL E 33 -15.73 17.74 -43.12
N ASP E 34 -16.56 17.03 -42.35
CA ASP E 34 -16.14 16.56 -41.04
C ASP E 34 -15.81 15.06 -41.13
N LEU E 35 -14.78 14.67 -40.40
CA LEU E 35 -14.29 13.30 -40.47
C LEU E 35 -14.55 12.64 -39.13
N LEU E 36 -15.17 11.47 -39.17
CA LEU E 36 -15.49 10.70 -37.98
C LEU E 36 -14.70 9.40 -38.02
N HIS E 37 -14.68 8.68 -36.90
CA HIS E 37 -14.10 7.36 -36.91
C HIS E 37 -14.68 6.53 -35.78
N SER E 38 -14.71 5.22 -36.00
CA SER E 38 -15.02 4.28 -34.93
C SER E 38 -13.84 4.19 -33.97
N SER E 39 -14.07 3.50 -32.86
CA SER E 39 -13.00 3.26 -31.91
C SER E 39 -13.27 1.94 -31.20
N CYS E 40 -12.60 1.73 -30.08
CA CYS E 40 -12.63 0.46 -29.36
C CYS E 40 -14.01 0.20 -28.80
N ASP E 41 -14.72 -0.73 -29.40
CA ASP E 41 -15.84 -1.37 -28.72
C ASP E 41 -15.23 -2.29 -27.68
N PRO E 42 -15.50 -2.09 -26.39
CA PRO E 42 -14.90 -2.97 -25.37
C PRO E 42 -15.43 -4.39 -25.40
N ASN E 43 -16.60 -4.61 -25.98
CA ASN E 43 -17.23 -5.92 -26.05
C ASN E 43 -16.80 -6.71 -27.28
N ALA E 44 -15.92 -6.17 -28.11
CA ALA E 44 -15.44 -6.83 -29.29
C ALA E 44 -13.91 -6.79 -29.31
N PHE E 45 -13.32 -7.74 -30.04
CA PHE E 45 -11.86 -7.77 -30.18
C PHE E 45 -11.35 -6.57 -30.97
N HIS E 46 -12.09 -6.18 -32.02
CA HIS E 46 -11.99 -4.89 -32.68
C HIS E 46 -10.60 -4.63 -33.27
N SER E 47 -10.25 -5.43 -34.27
CA SER E 47 -8.95 -5.27 -34.92
C SER E 47 -8.93 -4.13 -35.91
N THR E 48 -10.09 -3.56 -36.27
CA THR E 48 -10.18 -2.53 -37.30
C THR E 48 -10.89 -1.30 -36.75
N ILE E 49 -10.24 -0.15 -36.89
CA ILE E 49 -10.88 1.15 -36.74
C ILE E 49 -11.39 1.62 -38.10
N GLN E 50 -12.65 2.05 -38.12
CA GLN E 50 -13.36 2.44 -39.32
C GLN E 50 -13.31 3.97 -39.42
N LEU E 51 -12.36 4.50 -40.19
CA LEU E 51 -12.35 5.92 -40.49
C LEU E 51 -13.49 6.23 -41.46
N TYR E 52 -14.03 7.44 -41.35
CA TYR E 52 -15.15 7.87 -42.17
C TYR E 52 -14.95 9.32 -42.56
N CYS E 53 -15.00 9.60 -43.86
CA CYS E 53 -14.96 10.97 -44.35
C CYS E 53 -16.35 11.33 -44.87
N PHE E 54 -17.01 12.27 -44.20
CA PHE E 54 -18.34 12.71 -44.57
C PHE E 54 -18.25 14.02 -45.32
N VAL E 55 -18.98 14.14 -46.43
CA VAL E 55 -19.14 15.41 -47.12
C VAL E 55 -20.63 15.70 -47.30
N TYR E 56 -21.01 16.95 -47.07
CA TYR E 56 -22.38 17.43 -47.10
C TYR E 56 -22.43 18.69 -47.95
N GLY E 57 -23.43 18.80 -48.82
CA GLY E 57 -23.59 20.01 -49.59
C GLY E 57 -22.76 20.08 -50.85
N HIS E 58 -22.04 19.02 -51.20
CA HIS E 58 -21.27 19.00 -52.43
C HIS E 58 -22.20 18.83 -53.63
N ILE E 59 -21.72 19.27 -54.80
CA ILE E 59 -22.47 19.13 -56.03
C ILE E 59 -22.53 17.66 -56.43
N GLN E 60 -23.72 17.20 -56.82
CA GLN E 60 -23.97 15.81 -57.16
C GLN E 60 -23.11 15.34 -58.33
N ASN E 61 -22.52 14.15 -58.17
CA ASN E 61 -21.61 13.52 -59.14
C ASN E 61 -20.39 14.39 -59.44
N ASP E 62 -19.90 15.11 -58.45
CA ASP E 62 -18.72 15.95 -58.58
C ASP E 62 -17.86 15.83 -57.33
N VAL E 63 -17.65 14.60 -56.86
CA VAL E 63 -16.90 14.36 -55.64
C VAL E 63 -15.82 13.31 -55.91
N SER E 64 -14.63 13.53 -55.36
CA SER E 64 -13.54 12.56 -55.43
C SER E 64 -12.85 12.53 -54.07
N ILE E 65 -13.01 11.43 -53.34
CA ILE E 65 -12.53 11.34 -51.96
C ILE E 65 -11.36 10.37 -51.92
N HIS E 66 -10.22 10.84 -51.43
CA HIS E 66 -9.01 10.05 -51.28
C HIS E 66 -8.54 10.10 -49.83
N TRP E 67 -7.74 9.12 -49.44
CA TRP E 67 -7.28 8.97 -48.07
C TRP E 67 -5.76 8.99 -48.02
N LEU E 68 -5.21 9.74 -47.06
CA LEU E 68 -3.77 9.75 -46.82
C LEU E 68 -3.50 9.54 -45.34
N MET E 69 -2.31 9.05 -45.03
CA MET E 69 -1.88 8.81 -43.66
C MET E 69 -0.44 9.28 -43.53
N ASP E 70 -0.19 10.24 -42.64
CA ASP E 70 1.11 10.92 -42.50
C ASP E 70 1.57 11.54 -43.82
N ASP E 71 0.61 12.08 -44.57
CA ASP E 71 0.82 12.76 -45.86
C ASP E 71 1.50 11.86 -46.89
N ARG E 72 1.11 10.59 -46.94
CA ARG E 72 1.49 9.70 -48.04
C ARG E 72 0.26 8.92 -48.47
N LYS E 73 0.32 8.44 -49.71
CA LYS E 73 -0.83 7.87 -50.39
C LYS E 73 -1.25 6.52 -49.80
N ILE E 74 -2.53 6.19 -50.00
CA ILE E 74 -3.05 4.84 -49.88
C ILE E 74 -3.92 4.60 -51.11
N TYR E 75 -3.42 3.81 -52.06
CA TYR E 75 -4.24 3.25 -53.12
C TYR E 75 -4.85 1.92 -52.72
N GLU E 76 -4.57 1.44 -51.52
CA GLU E 76 -5.16 0.23 -50.97
C GLU E 76 -6.45 0.51 -50.20
N THR E 77 -7.16 1.57 -50.57
CA THR E 77 -8.38 1.95 -49.86
C THR E 77 -9.53 0.98 -50.09
N HIS E 78 -9.70 0.50 -51.34
CA HIS E 78 -10.92 -0.17 -51.81
C HIS E 78 -12.17 0.60 -51.38
N ALA E 79 -12.17 1.89 -51.69
CA ALA E 79 -13.09 2.83 -51.07
C ALA E 79 -14.53 2.61 -51.52
N GLN E 80 -15.45 2.69 -50.56
CA GLN E 80 -16.87 2.52 -50.80
C GLN E 80 -17.53 3.87 -50.55
N ASN E 81 -17.64 4.67 -51.62
CA ASN E 81 -18.30 5.98 -51.53
C ASN E 81 -19.80 5.75 -51.45
N VAL E 82 -20.31 5.59 -50.23
CA VAL E 82 -21.73 5.32 -50.01
C VAL E 82 -22.48 6.64 -50.06
N LEU E 83 -23.39 6.78 -51.02
CA LEU E 83 -24.15 8.01 -51.16
C LEU E 83 -25.18 8.11 -50.06
N ILE E 84 -25.29 9.30 -49.47
CA ILE E 84 -26.26 9.53 -48.40
C ILE E 84 -27.55 10.06 -49.00
N LYS E 85 -27.49 11.22 -49.65
CA LYS E 85 -28.73 11.87 -50.08
C LYS E 85 -28.43 12.89 -51.17
N GLU E 86 -29.49 13.30 -51.86
CA GLU E 86 -29.43 14.31 -52.92
C GLU E 86 -30.52 15.36 -52.68
N GLU E 87 -30.17 16.63 -52.85
CA GLU E 87 -31.11 17.75 -52.79
C GLU E 87 -30.81 18.65 -53.98
N GLY E 88 -31.46 18.35 -55.12
CA GLY E 88 -31.27 19.12 -56.34
C GLY E 88 -29.85 19.05 -56.87
N LYS E 89 -29.16 20.19 -56.84
CA LYS E 89 -27.74 20.21 -57.19
C LYS E 89 -26.88 19.65 -56.07
N LEU E 90 -27.26 19.87 -54.82
CA LEU E 90 -26.43 19.47 -53.70
C LEU E 90 -26.54 17.97 -53.42
N ALA E 91 -25.51 17.43 -52.78
CA ALA E 91 -25.50 16.03 -52.44
C ALA E 91 -24.69 15.83 -51.16
N SER E 92 -24.91 14.67 -50.53
CA SER E 92 -24.17 14.27 -49.35
C SER E 92 -23.79 12.81 -49.49
N THR E 93 -22.58 12.48 -49.08
CA THR E 93 -22.06 11.12 -49.15
C THR E 93 -20.91 10.97 -48.16
N TYR E 94 -20.35 9.76 -48.11
CA TYR E 94 -19.23 9.49 -47.20
C TYR E 94 -18.40 8.34 -47.77
N SER E 95 -17.19 8.21 -47.22
CA SER E 95 -16.29 7.12 -47.52
C SER E 95 -15.82 6.48 -46.22
N ARG E 96 -15.45 5.22 -46.29
CA ARG E 96 -15.00 4.46 -45.13
C ARG E 96 -13.64 3.83 -45.42
N LEU E 97 -12.75 3.92 -44.43
CA LEU E 97 -11.41 3.36 -44.47
C LEU E 97 -11.23 2.36 -43.34
N ASN E 98 -11.00 1.10 -43.68
CA ASN E 98 -10.56 0.15 -42.67
C ASN E 98 -9.09 0.39 -42.37
N ILE E 99 -8.75 0.55 -41.09
CA ILE E 99 -7.34 0.51 -40.68
C ILE E 99 -7.22 -0.49 -39.54
N THR E 100 -6.00 -0.99 -39.36
CA THR E 100 -5.73 -1.87 -38.25
C THR E 100 -5.63 -1.07 -36.95
N GLN E 101 -5.49 -1.79 -35.84
CA GLN E 101 -5.43 -1.11 -34.55
C GLN E 101 -4.09 -0.39 -34.37
N GLN E 102 -2.99 -1.03 -34.77
CA GLN E 102 -1.69 -0.42 -34.58
C GLN E 102 -1.41 0.71 -35.56
N GLN E 103 -2.21 0.83 -36.63
CA GLN E 103 -2.16 2.04 -37.44
C GLN E 103 -2.78 3.22 -36.72
N TRP E 104 -3.64 2.96 -35.74
CA TRP E 104 -4.25 4.01 -34.95
C TRP E 104 -3.46 4.29 -33.67
N MET E 105 -2.85 3.27 -33.07
CA MET E 105 -2.07 3.47 -31.86
C MET E 105 -0.76 4.22 -32.11
N SER E 106 -0.33 4.32 -33.37
CA SER E 106 0.88 5.06 -33.71
C SER E 106 0.70 6.56 -33.67
N GLU E 107 -0.54 7.03 -33.44
CA GLU E 107 -0.91 8.45 -33.41
C GLU E 107 -0.57 9.15 -34.72
N SER E 108 -0.78 8.43 -35.82
CA SER E 108 -0.55 8.96 -37.16
C SER E 108 -1.72 9.81 -37.59
N THR E 109 -1.42 10.95 -38.19
CA THR E 109 -2.45 11.90 -38.62
C THR E 109 -3.03 11.42 -39.94
N PHE E 110 -4.15 10.72 -39.87
CA PHE E 110 -4.91 10.36 -41.07
C PHE E 110 -5.64 11.58 -41.59
N THR E 111 -5.88 11.60 -42.90
CA THR E 111 -6.55 12.75 -43.50
C THR E 111 -7.33 12.31 -44.74
N CYS E 112 -8.37 13.08 -45.02
CA CYS E 112 -9.26 12.88 -46.16
C CYS E 112 -9.13 14.08 -47.09
N LYS E 113 -8.93 13.79 -48.37
CA LYS E 113 -8.81 14.79 -49.41
C LYS E 113 -10.05 14.72 -50.30
N VAL E 114 -10.75 15.84 -50.44
CA VAL E 114 -12.00 15.92 -51.18
C VAL E 114 -11.81 16.86 -52.36
N THR E 115 -12.04 16.34 -53.56
CA THR E 115 -12.04 17.14 -54.78
C THR E 115 -13.48 17.39 -55.18
N SER E 116 -13.87 18.66 -55.18
CA SER E 116 -15.22 19.07 -55.54
C SER E 116 -15.14 20.36 -56.34
N GLN E 117 -15.73 20.34 -57.54
CA GLN E 117 -15.67 21.43 -58.54
C GLN E 117 -14.24 21.79 -58.91
N GLY E 118 -13.33 20.82 -58.88
CA GLY E 118 -11.92 21.07 -59.03
C GLY E 118 -11.21 21.58 -57.79
N GLU E 119 -11.94 22.16 -56.84
CA GLU E 119 -11.34 22.65 -55.61
C GLU E 119 -11.04 21.51 -54.66
N ASN E 120 -10.17 21.80 -53.69
CA ASN E 120 -9.66 20.80 -52.77
C ASN E 120 -10.04 21.15 -51.34
N TYR E 121 -10.36 20.12 -50.55
CA TYR E 121 -10.74 20.25 -49.16
C TYR E 121 -10.04 19.17 -48.36
N TRP E 122 -9.74 19.47 -47.10
CA TRP E 122 -9.00 18.56 -46.24
C TRP E 122 -9.75 18.34 -44.94
N ALA E 123 -9.68 17.12 -44.44
CA ALA E 123 -10.16 16.79 -43.10
C ALA E 123 -9.08 15.99 -42.39
N HIS E 124 -8.75 16.38 -41.17
CA HIS E 124 -7.64 15.78 -40.44
C HIS E 124 -8.14 15.03 -39.20
N THR E 125 -7.41 13.99 -38.84
CA THR E 125 -7.66 13.27 -37.59
C THR E 125 -6.37 12.58 -37.16
N ARG E 126 -6.34 12.18 -35.90
CA ARG E 126 -5.38 11.24 -35.37
C ARG E 126 -5.98 10.67 -34.10
N ARG E 127 -5.24 9.78 -33.45
CA ARG E 127 -5.66 9.33 -32.13
C ARG E 127 -5.54 10.48 -31.15
N CYS E 128 -6.50 10.57 -30.24
CA CYS E 128 -6.39 11.51 -29.13
C CYS E 128 -5.16 11.19 -28.29
N SER E 129 -4.24 12.13 -28.26
CA SER E 129 -2.98 11.93 -27.56
C SER E 129 -3.21 11.84 -26.05
N ASP E 130 -2.32 11.12 -25.38
CA ASP E 130 -2.46 10.79 -23.96
C ASP E 130 -2.47 12.05 -23.12
N ASP E 131 -3.57 12.25 -22.39
CA ASP E 131 -3.74 13.46 -21.61
C ASP E 131 -2.88 13.45 -20.35
N GLU E 132 -2.37 12.29 -19.95
CA GLU E 132 -1.46 12.18 -18.82
C GLU E 132 -0.22 11.39 -19.21
N PRO E 133 0.67 11.97 -20.03
CA PRO E 133 1.95 11.30 -20.29
C PRO E 133 2.82 11.37 -19.06
N ARG E 134 3.46 10.25 -18.73
CA ARG E 134 4.21 10.02 -17.49
C ARG E 134 3.34 10.28 -16.25
N GLY E 135 2.03 10.04 -16.35
CA GLY E 135 1.12 10.21 -15.23
C GLY E 135 0.98 11.61 -14.72
N VAL E 136 1.31 12.59 -15.55
CA VAL E 136 1.28 13.98 -15.15
C VAL E 136 -0.14 14.48 -15.31
N ILE E 137 -0.76 14.89 -14.21
CA ILE E 137 -2.17 15.26 -14.23
C ILE E 137 -2.25 16.78 -14.33
N THR E 138 -2.81 17.26 -15.42
CA THR E 138 -2.86 18.69 -15.71
C THR E 138 -4.29 19.17 -15.58
N TYR E 139 -4.51 20.11 -14.67
CA TYR E 139 -5.81 20.72 -14.46
C TYR E 139 -5.77 22.15 -14.96
N LEU E 140 -6.80 22.55 -15.68
CA LEU E 140 -6.91 23.92 -16.17
C LEU E 140 -8.08 24.54 -15.43
N ILE E 141 -7.77 25.25 -14.35
CA ILE E 141 -8.77 25.87 -13.49
C ILE E 141 -9.18 27.21 -14.09
N PRO E 142 -10.48 27.44 -14.28
CA PRO E 142 -10.95 28.72 -14.82
C PRO E 142 -10.84 29.83 -13.78
N PRO E 143 -11.00 31.09 -14.16
CA PRO E 143 -11.06 32.15 -13.15
C PRO E 143 -12.31 32.03 -12.28
N SER E 144 -12.15 32.42 -11.02
CA SER E 144 -13.31 32.56 -10.16
C SER E 144 -14.13 33.76 -10.61
N PRO E 145 -15.46 33.72 -10.45
CA PRO E 145 -16.28 34.88 -10.81
C PRO E 145 -16.01 36.10 -9.96
N LEU E 146 -15.49 35.92 -8.74
CA LEU E 146 -15.09 37.05 -7.91
C LEU E 146 -13.95 37.83 -8.55
N ASP E 147 -13.01 37.13 -9.19
CA ASP E 147 -11.94 37.80 -9.91
C ASP E 147 -12.44 38.39 -11.23
N LEU E 148 -13.36 37.70 -11.90
CA LEU E 148 -13.81 38.14 -13.22
C LEU E 148 -14.68 39.38 -13.15
N TYR E 149 -15.65 39.42 -12.24
CA TYR E 149 -16.70 40.43 -12.28
C TYR E 149 -16.70 41.39 -11.10
N GLU E 150 -15.88 41.17 -10.08
CA GLU E 150 -15.74 42.15 -9.00
C GLU E 150 -14.34 42.71 -8.90
N ASN E 151 -13.32 41.84 -8.79
CA ASN E 151 -11.95 42.32 -8.72
C ASN E 151 -11.45 42.82 -10.07
N GLY E 152 -11.97 42.25 -11.16
CA GLY E 152 -11.59 42.67 -12.49
C GLY E 152 -10.27 42.12 -12.98
N THR E 153 -9.59 41.27 -12.20
CA THR E 153 -8.31 40.68 -12.59
C THR E 153 -8.44 39.16 -12.55
N PRO E 154 -8.99 38.55 -13.60
CA PRO E 154 -9.10 37.08 -13.62
C PRO E 154 -7.75 36.43 -13.87
N LYS E 155 -7.67 35.15 -13.49
CA LYS E 155 -6.41 34.41 -13.57
C LYS E 155 -6.73 32.94 -13.83
N LEU E 156 -6.33 32.43 -14.99
CA LEU E 156 -6.39 31.00 -15.22
C LEU E 156 -5.27 30.30 -14.47
N THR E 157 -5.49 29.02 -14.17
CA THR E 157 -4.48 28.24 -13.47
C THR E 157 -4.21 26.96 -14.23
N CYS E 158 -2.94 26.66 -14.47
CA CYS E 158 -2.53 25.34 -14.94
C CYS E 158 -1.82 24.65 -13.78
N LEU E 159 -2.50 23.68 -13.21
CA LEU E 159 -1.98 22.92 -12.08
C LEU E 159 -1.44 21.61 -12.63
N VAL E 160 -0.12 21.49 -12.66
CA VAL E 160 0.57 20.38 -13.30
C VAL E 160 1.08 19.50 -12.17
N LEU E 161 0.29 18.51 -11.80
CA LEU E 161 0.56 17.64 -10.68
C LEU E 161 1.25 16.36 -11.12
N ASP E 162 1.85 15.68 -10.13
CA ASP E 162 2.49 14.38 -10.25
C ASP E 162 3.64 14.43 -11.25
N LEU E 163 4.57 15.33 -10.96
CA LEU E 163 5.85 15.40 -11.65
C LEU E 163 6.92 14.77 -10.79
N GLU E 164 7.91 14.17 -11.44
CA GLU E 164 9.05 13.66 -10.70
C GLU E 164 9.91 14.81 -10.18
N SER E 165 10.13 15.83 -11.00
CA SER E 165 10.78 17.05 -10.58
C SER E 165 10.40 18.15 -11.57
N GLU E 166 10.67 19.40 -11.19
CA GLU E 166 10.21 20.54 -11.96
C GLU E 166 11.16 20.95 -13.09
N GLU E 167 12.30 20.28 -13.25
CA GLU E 167 13.22 20.63 -14.32
C GLU E 167 12.71 20.12 -15.67
N ASN E 168 12.94 20.94 -16.70
CA ASN E 168 12.65 20.72 -18.12
C ASN E 168 11.16 20.68 -18.43
N ILE E 169 10.28 21.00 -17.48
CA ILE E 169 8.87 21.25 -17.77
C ILE E 169 8.73 22.68 -18.25
N THR E 170 8.27 22.86 -19.48
CA THR E 170 7.92 24.18 -19.99
C THR E 170 6.42 24.26 -20.21
N VAL E 171 5.80 25.28 -19.63
CA VAL E 171 4.36 25.47 -19.69
C VAL E 171 4.08 26.64 -20.62
N THR E 172 3.38 26.37 -21.71
CA THR E 172 3.10 27.36 -22.73
C THR E 172 1.63 27.72 -22.66
N TRP E 173 1.30 28.99 -22.85
CA TRP E 173 -0.08 29.46 -22.85
C TRP E 173 -0.45 29.95 -24.23
N VAL E 174 -1.62 29.52 -24.70
CA VAL E 174 -2.08 29.82 -26.07
C VAL E 174 -3.44 30.49 -25.97
N ARG E 175 -3.60 31.60 -26.71
CA ARG E 175 -4.87 32.30 -26.83
C ARG E 175 -5.53 31.92 -28.16
N GLU E 176 -6.65 32.57 -28.45
CA GLU E 176 -7.28 32.42 -29.76
C GLU E 176 -6.83 33.49 -30.75
N ARG E 177 -7.03 34.76 -30.41
CA ARG E 177 -6.97 35.83 -31.41
C ARG E 177 -5.61 36.53 -31.45
N LYS E 178 -5.20 37.13 -30.34
CA LYS E 178 -4.09 38.07 -30.32
C LYS E 178 -2.78 37.36 -30.03
N LYS E 179 -1.73 37.73 -30.77
CA LYS E 179 -0.40 37.21 -30.49
C LYS E 179 0.14 37.72 -29.18
N SER E 180 -0.29 38.92 -28.76
CA SER E 180 0.06 39.43 -27.45
C SER E 180 -0.66 38.64 -26.38
N ILE E 181 0.06 38.23 -25.35
CA ILE E 181 -0.47 37.43 -24.26
C ILE E 181 0.14 37.96 -22.96
N GLY E 182 -0.61 37.85 -21.87
CA GLY E 182 -0.06 38.17 -20.57
C GLY E 182 1.03 37.20 -20.16
N SER E 183 1.91 37.68 -19.28
CA SER E 183 3.05 36.89 -18.82
C SER E 183 2.58 35.97 -17.71
N ALA E 184 2.79 34.67 -17.90
CA ALA E 184 2.39 33.69 -16.89
C ALA E 184 3.33 33.74 -15.70
N SER E 185 2.76 33.49 -14.52
CA SER E 185 3.52 33.43 -13.28
C SER E 185 3.59 31.97 -12.85
N GLN E 186 4.77 31.38 -12.94
CA GLN E 186 4.95 29.97 -12.65
C GLN E 186 5.61 29.81 -11.29
N ARG E 187 5.06 28.92 -10.47
CA ARG E 187 5.67 28.54 -9.21
C ARG E 187 5.67 27.02 -9.10
N SER E 188 6.54 26.50 -8.25
CA SER E 188 6.70 25.08 -8.05
C SER E 188 6.53 24.74 -6.59
N THR E 189 6.17 23.48 -6.33
CA THR E 189 5.90 23.04 -4.96
C THR E 189 6.22 21.57 -4.86
N LYS E 190 7.14 21.18 -3.99
CA LYS E 190 7.32 19.77 -3.69
C LYS E 190 6.44 19.40 -2.52
N HIS E 191 5.65 18.36 -2.68
CA HIS E 191 4.55 18.06 -1.78
C HIS E 191 4.96 17.06 -0.71
N HIS E 192 3.99 16.67 0.11
CA HIS E 192 4.23 15.69 1.17
C HIS E 192 4.44 14.30 0.63
N ASN E 193 3.88 13.98 -0.54
CA ASN E 193 4.08 12.70 -1.20
C ASN E 193 5.19 12.76 -2.24
N ALA E 194 6.13 13.68 -2.09
CA ALA E 194 7.34 13.85 -2.90
C ALA E 194 7.05 14.13 -4.37
N THR E 195 5.83 14.56 -4.70
CA THR E 195 5.45 14.89 -6.06
C THR E 195 5.57 16.40 -6.24
N THR E 196 6.36 16.81 -7.22
CA THR E 196 6.43 18.22 -7.57
C THR E 196 5.19 18.62 -8.37
N SER E 197 4.64 19.78 -8.04
CA SER E 197 3.53 20.37 -8.76
C SER E 197 3.98 21.71 -9.29
N ILE E 198 3.53 22.05 -10.49
CA ILE E 198 3.84 23.34 -11.11
C ILE E 198 2.54 24.09 -11.31
N THR E 199 2.42 25.24 -10.69
CA THR E 199 1.23 26.08 -10.81
C THR E 199 1.59 27.26 -11.68
N SER E 200 1.06 27.29 -12.89
CA SER E 200 1.29 28.37 -13.84
C SER E 200 0.01 29.18 -13.93
N ILE E 201 0.05 30.39 -13.39
CA ILE E 201 -1.13 31.24 -13.28
C ILE E 201 -1.03 32.32 -14.34
N LEU E 202 -1.97 32.32 -15.27
CA LEU E 202 -1.97 33.27 -16.37
C LEU E 202 -2.99 34.36 -16.12
N PRO E 203 -2.59 35.61 -15.90
CA PRO E 203 -3.57 36.71 -15.78
C PRO E 203 -4.18 37.04 -17.13
N VAL E 204 -5.50 36.92 -17.22
CA VAL E 204 -6.22 37.12 -18.47
C VAL E 204 -7.14 38.32 -18.32
N ASP E 205 -7.78 38.68 -19.43
CA ASP E 205 -8.71 39.79 -19.46
C ASP E 205 -10.12 39.25 -19.36
N ALA E 206 -10.94 39.89 -18.52
CA ALA E 206 -12.29 39.39 -18.28
C ALA E 206 -13.19 39.57 -19.50
N LYS E 207 -12.94 40.60 -20.30
CA LYS E 207 -13.77 40.89 -21.47
C LYS E 207 -13.68 39.79 -22.50
N ASP E 208 -12.45 39.33 -22.79
CA ASP E 208 -12.26 38.23 -23.73
C ASP E 208 -12.82 36.92 -23.20
N TRP E 209 -12.81 36.74 -21.88
CA TRP E 209 -13.46 35.59 -21.27
C TRP E 209 -14.98 35.64 -21.43
N ILE E 210 -15.56 36.84 -21.39
CA ILE E 210 -16.99 36.99 -21.70
C ILE E 210 -17.27 36.67 -23.16
N GLU E 211 -16.43 37.15 -24.08
CA GLU E 211 -16.66 36.89 -25.49
C GLU E 211 -16.44 35.44 -25.90
N GLY E 212 -15.85 34.61 -25.05
CA GLY E 212 -15.65 33.21 -25.36
C GLY E 212 -14.30 32.85 -25.87
N GLU E 213 -13.24 33.48 -25.37
CA GLU E 213 -11.89 33.20 -25.82
C GLU E 213 -11.44 31.84 -25.32
N GLY E 214 -10.75 31.08 -26.17
CA GLY E 214 -10.24 29.77 -25.82
C GLY E 214 -8.78 29.86 -25.40
N TYR E 215 -8.47 29.22 -24.28
CA TYR E 215 -7.14 29.27 -23.69
C TYR E 215 -6.60 27.87 -23.49
N GLN E 216 -5.37 27.65 -23.95
CA GLN E 216 -4.70 26.37 -23.76
C GLN E 216 -3.51 26.52 -22.84
N CYS E 217 -3.32 25.50 -22.01
CA CYS E 217 -2.08 25.25 -21.31
C CYS E 217 -1.44 24.03 -21.95
N ARG E 218 -0.25 24.20 -22.52
CA ARG E 218 0.51 23.13 -23.13
C ARG E 218 1.71 22.86 -22.23
N VAL E 219 1.63 21.80 -21.44
CA VAL E 219 2.77 21.32 -20.68
C VAL E 219 3.65 20.51 -21.62
N ASP E 220 4.96 20.75 -21.57
CA ASP E 220 5.87 20.04 -22.45
C ASP E 220 7.09 19.60 -21.65
N HIS E 221 7.56 18.40 -21.94
CA HIS E 221 8.71 17.79 -21.31
C HIS E 221 9.48 17.08 -22.41
N PRO E 222 10.81 16.94 -22.27
CA PRO E 222 11.61 16.25 -23.31
C PRO E 222 11.21 14.81 -23.58
N HIS E 223 10.76 14.05 -22.59
CA HIS E 223 10.27 12.70 -22.89
C HIS E 223 8.80 12.56 -22.56
N PHE E 224 8.04 13.64 -22.74
CA PHE E 224 6.65 13.41 -23.11
C PHE E 224 6.60 13.04 -24.59
N PRO E 225 5.83 12.01 -24.96
CA PRO E 225 5.60 11.77 -26.39
C PRO E 225 4.95 12.94 -27.11
N LYS E 226 4.00 13.60 -26.47
CA LYS E 226 3.33 14.79 -26.99
C LYS E 226 3.10 15.75 -25.84
N PRO E 227 2.95 17.04 -26.11
CA PRO E 227 2.58 17.98 -25.05
C PRO E 227 1.18 17.72 -24.52
N ILE E 228 1.00 18.03 -23.24
CA ILE E 228 -0.31 18.01 -22.60
C ILE E 228 -1.02 19.30 -22.98
N VAL E 229 -2.02 19.21 -23.83
CA VAL E 229 -2.75 20.38 -24.30
C VAL E 229 -4.11 20.35 -23.62
N ARG E 230 -4.30 21.20 -22.61
CA ARG E 230 -5.60 21.41 -22.01
C ARG E 230 -6.19 22.69 -22.57
N SER E 231 -7.44 22.64 -22.98
CA SER E 231 -8.15 23.80 -23.48
C SER E 231 -9.30 24.12 -22.54
N ILE E 232 -9.58 25.41 -22.35
CA ILE E 232 -10.72 25.83 -21.56
C ILE E 232 -11.31 27.07 -22.20
N THR E 233 -12.60 27.26 -21.95
CA THR E 233 -13.43 28.31 -22.51
C THR E 233 -14.42 28.65 -21.40
N LYS E 234 -15.09 29.80 -21.50
CA LYS E 234 -16.28 30.06 -20.70
C LYS E 234 -17.30 28.94 -20.95
N ALA E 235 -17.85 28.40 -19.86
CA ALA E 235 -18.57 27.13 -19.89
C ALA E 235 -19.86 27.23 -20.70
N PRO E 236 -20.07 26.36 -21.67
CA PRO E 236 -21.19 26.53 -22.60
C PRO E 236 -22.51 26.07 -22.00
N GLY E 237 -23.59 26.70 -22.46
CA GLY E 237 -24.92 26.37 -22.01
C GLY E 237 -25.77 27.60 -21.81
N LYS E 238 -27.06 27.40 -21.52
CA LYS E 238 -27.96 28.52 -21.31
C LYS E 238 -27.69 29.15 -19.95
N ARG E 239 -27.55 30.48 -19.94
CA ARG E 239 -27.29 31.20 -18.70
C ARG E 239 -28.60 31.41 -17.95
N SER E 240 -28.65 30.94 -16.72
CA SER E 240 -29.78 31.17 -15.83
C SER E 240 -29.29 31.96 -14.62
N ALA E 241 -29.96 33.07 -14.34
CA ALA E 241 -29.55 33.91 -13.22
C ALA E 241 -29.95 33.27 -11.90
N PRO E 242 -29.05 33.25 -10.92
CA PRO E 242 -29.38 32.67 -9.61
C PRO E 242 -30.44 33.46 -8.86
N GLU E 243 -31.31 32.73 -8.17
CA GLU E 243 -32.19 33.30 -7.17
C GLU E 243 -31.56 33.06 -5.80
N VAL E 244 -31.42 34.13 -5.03
CA VAL E 244 -30.70 34.12 -3.76
C VAL E 244 -31.67 34.49 -2.64
N TYR E 245 -31.73 33.67 -1.61
CA TYR E 245 -32.59 33.87 -0.45
C TYR E 245 -31.77 33.67 0.81
N VAL E 246 -32.02 34.48 1.83
CA VAL E 246 -31.32 34.34 3.11
C VAL E 246 -32.35 34.02 4.17
N PHE E 247 -32.05 33.00 4.98
CA PHE E 247 -32.94 32.54 6.05
C PHE E 247 -32.39 32.98 7.40
N LEU E 248 -33.31 33.45 8.26
CA LEU E 248 -32.95 33.87 9.60
C LEU E 248 -32.52 32.67 10.44
N PRO E 249 -31.70 32.89 11.47
CA PRO E 249 -31.47 31.84 12.47
C PRO E 249 -32.77 31.45 13.13
N PRO E 250 -32.97 30.16 13.38
CA PRO E 250 -34.31 29.65 13.74
C PRO E 250 -34.80 30.13 15.09
N GLU E 251 -36.12 30.29 15.18
CA GLU E 251 -36.73 30.88 16.38
C GLU E 251 -36.70 29.93 17.56
N GLU E 252 -36.61 28.62 17.30
CA GLU E 252 -36.35 27.67 18.38
C GLU E 252 -34.92 27.80 18.88
N GLU E 253 -33.99 28.16 18.00
CA GLU E 253 -32.58 28.27 18.36
C GLU E 253 -32.37 29.56 19.13
N GLU E 254 -32.23 29.44 20.44
CA GLU E 254 -31.68 30.50 21.28
C GLU E 254 -30.45 29.97 22.02
N LYS E 255 -29.62 29.23 21.29
CA LYS E 255 -28.41 28.63 21.82
C LYS E 255 -27.23 29.59 21.64
N ASP E 256 -26.02 29.10 21.90
CA ASP E 256 -24.84 29.97 21.93
C ASP E 256 -24.38 30.40 20.56
N LYS E 257 -24.80 29.73 19.49
CA LYS E 257 -24.41 30.09 18.13
C LYS E 257 -25.64 30.19 17.26
N ARG E 258 -25.60 31.11 16.30
CA ARG E 258 -26.68 31.32 15.35
C ARG E 258 -26.17 31.04 13.95
N THR E 259 -26.93 30.25 13.19
CA THR E 259 -26.51 29.82 11.86
C THR E 259 -27.32 30.58 10.81
N LEU E 260 -26.61 31.29 9.93
CA LEU E 260 -27.20 32.04 8.84
C LEU E 260 -27.03 31.25 7.56
N THR E 261 -28.06 31.25 6.73
CA THR E 261 -28.14 30.34 5.59
C THR E 261 -28.51 31.13 4.34
N CYS E 262 -27.79 30.88 3.25
CA CYS E 262 -28.02 31.49 1.95
C CYS E 262 -28.34 30.37 0.96
N LEU E 263 -29.57 30.35 0.44
CA LEU E 263 -29.94 29.53 -0.70
C LEU E 263 -29.62 30.26 -1.99
N ILE E 264 -28.80 29.65 -2.82
CA ILE E 264 -28.54 30.19 -4.15
C ILE E 264 -28.93 29.07 -5.10
N GLN E 265 -29.99 29.28 -5.87
CA GLN E 265 -30.52 28.20 -6.67
C GLN E 265 -30.81 28.67 -8.08
N ASN E 266 -30.94 27.69 -8.98
CA ASN E 266 -31.37 27.86 -10.37
C ASN E 266 -30.37 28.76 -11.11
N PHE E 267 -29.11 28.31 -11.15
CA PHE E 267 -28.06 29.02 -11.84
C PHE E 267 -27.24 28.09 -12.70
N PHE E 268 -26.92 28.55 -13.91
CA PHE E 268 -25.94 27.94 -14.77
C PHE E 268 -25.01 29.02 -15.29
N PRO E 269 -23.68 28.80 -15.30
CA PRO E 269 -22.92 27.59 -14.95
C PRO E 269 -22.67 27.38 -13.46
N GLU E 270 -21.87 26.35 -13.17
CA GLU E 270 -21.51 25.98 -11.82
C GLU E 270 -20.62 27.01 -11.15
N ASP E 271 -19.93 27.85 -11.93
CA ASP E 271 -18.95 28.79 -11.40
C ASP E 271 -19.65 29.96 -10.74
N ILE E 272 -19.55 30.05 -9.41
CA ILE E 272 -20.25 31.07 -8.66
C ILE E 272 -19.40 31.47 -7.47
N SER E 273 -19.48 32.75 -7.09
CA SER E 273 -18.81 33.27 -5.91
C SER E 273 -19.86 33.74 -4.91
N VAL E 274 -19.70 33.36 -3.64
CA VAL E 274 -20.59 33.79 -2.57
C VAL E 274 -19.73 34.37 -1.45
N GLN E 275 -20.07 35.60 -1.03
CA GLN E 275 -19.37 36.27 0.06
C GLN E 275 -20.37 36.66 1.14
N TRP E 276 -19.91 36.59 2.39
CA TRP E 276 -20.66 37.01 3.55
C TRP E 276 -20.02 38.27 4.14
N LEU E 277 -20.84 39.12 4.74
CA LEU E 277 -20.39 40.43 5.19
C LEU E 277 -20.91 40.72 6.60
N GLN E 278 -20.33 41.73 7.23
CA GLN E 278 -20.75 42.22 8.54
C GLN E 278 -20.73 43.75 8.48
N ASP E 279 -21.91 44.36 8.26
CA ASP E 279 -22.08 45.82 8.12
C ASP E 279 -21.16 46.38 7.03
N SER E 280 -21.25 45.78 5.85
CA SER E 280 -20.46 46.12 4.65
C SER E 280 -18.95 45.93 4.89
N LYS E 281 -18.58 45.03 5.79
CA LYS E 281 -17.20 44.62 5.99
C LYS E 281 -17.13 43.13 5.69
N LEU E 282 -16.18 42.74 4.86
CA LEU E 282 -16.13 41.37 4.35
C LEU E 282 -15.68 40.39 5.43
N ILE E 283 -16.40 39.29 5.55
CA ILE E 283 -16.03 38.18 6.42
C ILE E 283 -15.02 37.33 5.64
N PRO E 284 -13.97 36.82 6.28
CA PRO E 284 -13.05 35.90 5.59
C PRO E 284 -13.74 34.60 5.21
N LYS E 285 -13.22 33.97 4.15
CA LYS E 285 -13.86 32.78 3.59
C LYS E 285 -13.68 31.54 4.47
N SER E 286 -12.80 31.60 5.47
CA SER E 286 -12.64 30.50 6.41
C SER E 286 -13.72 30.48 7.48
N GLN E 287 -14.58 31.50 7.55
CA GLN E 287 -15.61 31.57 8.55
C GLN E 287 -16.96 31.04 8.07
N HIS E 288 -17.15 30.90 6.76
CA HIS E 288 -18.39 30.37 6.22
C HIS E 288 -18.08 29.27 5.21
N SER E 289 -18.97 28.29 5.15
CA SER E 289 -18.85 27.19 4.21
C SER E 289 -19.85 27.36 3.08
N THR E 290 -19.63 26.63 1.99
CA THR E 290 -20.54 26.64 0.85
C THR E 290 -20.58 25.22 0.31
N THR E 291 -21.78 24.74 0.01
CA THR E 291 -21.95 23.36 -0.41
C THR E 291 -21.47 23.15 -1.84
N THR E 292 -21.14 21.92 -2.15
CA THR E 292 -20.81 21.54 -3.52
C THR E 292 -22.06 21.67 -4.38
N PRO E 293 -21.99 22.34 -5.54
CA PRO E 293 -23.21 22.65 -6.30
C PRO E 293 -23.86 21.42 -6.89
N LEU E 294 -25.16 21.29 -6.66
CA LEU E 294 -25.91 20.10 -7.07
C LEU E 294 -26.84 20.44 -8.22
N LYS E 295 -26.87 19.54 -9.19
CA LYS E 295 -27.69 19.62 -10.39
C LYS E 295 -29.16 19.43 -10.05
N TYR E 296 -30.04 20.03 -10.86
CA TYR E 296 -31.46 19.97 -10.52
C TYR E 296 -32.38 19.93 -11.74
N ASN E 297 -33.24 18.91 -11.73
CA ASN E 297 -34.52 18.73 -12.43
C ASN E 297 -34.46 18.43 -13.93
N GLY E 298 -33.32 18.66 -14.58
CA GLY E 298 -33.19 18.34 -16.00
C GLY E 298 -34.09 19.07 -16.98
N SER E 299 -33.83 18.92 -18.27
CA SER E 299 -32.56 18.41 -18.78
C SER E 299 -31.70 19.62 -19.10
N ASN E 300 -32.34 20.79 -19.06
CA ASN E 300 -31.62 22.05 -19.01
C ASN E 300 -31.02 22.22 -17.63
N GLN E 301 -29.75 22.60 -17.58
CA GLN E 301 -28.95 22.40 -16.39
C GLN E 301 -29.04 23.60 -15.45
N ARG E 302 -29.42 23.35 -14.20
CA ARG E 302 -29.39 24.35 -13.14
C ARG E 302 -28.75 23.75 -11.90
N PHE E 303 -28.16 24.62 -11.07
CA PHE E 303 -27.42 24.21 -9.89
C PHE E 303 -27.99 24.90 -8.66
N PHE E 304 -27.75 24.30 -7.51
CA PHE E 304 -27.99 24.99 -6.25
C PHE E 304 -26.84 24.78 -5.29
N ILE E 305 -26.61 25.79 -4.46
CA ILE E 305 -25.71 25.75 -3.33
C ILE E 305 -26.40 26.36 -2.12
N PHE E 306 -25.85 26.03 -0.95
CA PHE E 306 -26.16 26.67 0.32
C PHE E 306 -24.87 27.22 0.89
N SER E 307 -24.86 28.51 1.18
CA SER E 307 -23.79 29.10 1.97
C SER E 307 -24.22 29.14 3.43
N ARG E 308 -23.35 28.69 4.32
CA ARG E 308 -23.68 28.64 5.73
C ARG E 308 -22.62 29.40 6.52
N LEU E 309 -23.07 30.39 7.28
CA LEU E 309 -22.19 31.17 8.14
C LEU E 309 -22.66 31.00 9.58
N GLU E 310 -21.85 30.38 10.42
CA GLU E 310 -22.19 30.28 11.82
C GLU E 310 -21.49 31.37 12.61
N VAL E 311 -22.28 32.18 13.32
CA VAL E 311 -21.76 33.23 14.18
C VAL E 311 -22.13 32.89 15.61
N THR E 312 -21.58 33.64 16.56
CA THR E 312 -21.95 33.43 17.94
C THR E 312 -23.23 34.19 18.27
N LYS E 313 -23.77 33.92 19.47
CA LYS E 313 -24.95 34.63 19.93
C LYS E 313 -24.64 36.09 20.19
N ALA E 314 -23.45 36.37 20.74
CA ALA E 314 -23.05 37.74 21.01
C ALA E 314 -22.82 38.54 19.74
N LEU E 315 -22.19 37.92 18.74
CA LEU E 315 -21.91 38.63 17.49
C LEU E 315 -23.15 38.80 16.65
N TRP E 316 -24.15 37.94 16.83
CA TRP E 316 -25.40 38.08 16.07
C TRP E 316 -26.24 39.22 16.60
N THR E 317 -26.26 39.41 17.92
CA THR E 317 -27.15 40.36 18.58
C THR E 317 -26.49 41.71 18.84
N GLN E 318 -25.57 42.13 17.97
CA GLN E 318 -24.83 43.38 18.16
C GLN E 318 -25.44 44.54 17.39
N THR E 319 -26.74 44.46 17.07
CA THR E 319 -27.54 45.47 16.37
C THR E 319 -26.88 45.83 15.03
N LYS E 320 -26.89 44.84 14.14
CA LYS E 320 -26.10 44.87 12.92
C LYS E 320 -26.91 44.28 11.78
N GLN E 321 -26.21 43.98 10.69
CA GLN E 321 -26.78 43.25 9.57
C GLN E 321 -25.70 42.40 8.92
N PHE E 322 -26.14 41.35 8.23
CA PHE E 322 -25.27 40.53 7.41
C PHE E 322 -25.80 40.57 5.98
N THR E 323 -24.90 40.46 5.01
CA THR E 323 -25.34 40.31 3.63
C THR E 323 -24.69 39.08 3.03
N CYS E 324 -25.37 38.53 2.03
CA CYS E 324 -24.85 37.45 1.20
C CYS E 324 -24.81 38.01 -0.21
N ARG E 325 -23.62 38.31 -0.72
CA ARG E 325 -23.51 38.72 -2.11
C ARG E 325 -23.09 37.52 -2.96
N VAL E 326 -23.59 37.50 -4.19
CA VAL E 326 -23.38 36.42 -5.12
C VAL E 326 -22.90 37.02 -6.43
N ILE E 327 -21.77 36.54 -6.92
CA ILE E 327 -21.20 36.96 -8.19
C ILE E 327 -21.32 35.79 -9.16
N HIS E 328 -21.94 36.04 -10.30
CA HIS E 328 -22.23 35.03 -11.31
C HIS E 328 -22.22 35.72 -12.66
N GLU E 329 -22.04 34.93 -13.72
CA GLU E 329 -21.98 35.49 -15.05
C GLU E 329 -23.34 35.58 -15.73
N ALA E 330 -24.40 35.17 -15.07
CA ALA E 330 -25.75 35.30 -15.61
C ALA E 330 -26.52 36.46 -14.98
N LEU E 331 -25.89 37.20 -14.08
CA LEU E 331 -26.50 38.34 -13.44
C LEU E 331 -26.28 39.60 -14.28
N ARG E 332 -27.23 40.54 -14.18
CA ARG E 332 -27.08 41.82 -14.83
C ARG E 332 -25.99 42.63 -14.15
N GLU E 333 -25.48 43.64 -14.86
CA GLU E 333 -24.31 44.39 -14.42
C GLU E 333 -24.62 45.18 -13.13
N PRO E 334 -23.69 45.18 -12.15
CA PRO E 334 -22.31 44.67 -12.19
C PRO E 334 -22.11 43.23 -11.75
N ARG E 335 -23.01 42.33 -12.13
CA ARG E 335 -22.92 40.88 -11.92
C ARG E 335 -22.77 40.53 -10.44
N LYS E 336 -23.45 41.29 -9.59
CA LYS E 336 -23.42 41.08 -8.15
C LYS E 336 -24.84 41.21 -7.63
N LEU E 337 -25.27 40.24 -6.84
CA LEU E 337 -26.61 40.22 -6.27
C LEU E 337 -26.49 40.11 -4.77
N GLU E 338 -26.96 41.13 -4.06
CA GLU E 338 -26.87 41.20 -2.61
C GLU E 338 -28.21 40.88 -1.98
N ARG E 339 -28.21 40.02 -0.96
CA ARG E 339 -29.41 39.76 -0.18
C ARG E 339 -29.08 39.99 1.28
N THR E 340 -29.84 40.88 1.91
CA THR E 340 -29.53 41.41 3.23
C THR E 340 -30.41 40.76 4.28
N ILE E 341 -29.81 40.41 5.41
CA ILE E 341 -30.50 39.88 6.58
C ILE E 341 -30.20 40.76 7.78
N SER E 342 -31.25 41.13 8.50
CA SER E 342 -31.15 41.99 9.67
C SER E 342 -32.42 41.81 10.50
N LYS E 343 -32.27 41.96 11.82
CA LYS E 343 -33.43 41.89 12.70
C LYS E 343 -34.11 43.25 12.89
N SER E 344 -33.54 44.31 12.32
CA SER E 344 -34.13 45.65 12.44
C SER E 344 -34.92 46.01 11.19
N LEU F 24 25.85 -6.27 28.22
CA LEU F 24 26.66 -5.91 29.37
C LEU F 24 27.39 -7.12 29.94
N CYS F 25 28.71 -7.03 30.02
CA CYS F 25 29.53 -8.13 30.52
C CYS F 25 30.57 -7.72 31.55
N TYR F 26 30.88 -6.43 31.70
CA TYR F 26 31.92 -6.02 32.63
C TYR F 26 31.47 -6.12 34.08
N ILE F 27 30.24 -5.66 34.36
CA ILE F 27 29.70 -5.72 35.71
C ILE F 27 29.41 -7.16 36.12
N LEU F 28 28.86 -7.94 35.18
CA LEU F 28 28.55 -9.35 35.42
C LEU F 28 29.81 -10.19 35.62
N ASP F 29 30.96 -9.74 35.09
CA ASP F 29 32.21 -10.43 35.35
C ASP F 29 32.89 -9.95 36.63
N ALA F 30 32.78 -8.65 36.94
CA ALA F 30 33.35 -8.13 38.17
C ALA F 30 32.66 -8.71 39.40
N ILE F 31 31.33 -8.88 39.33
CA ILE F 31 30.61 -9.47 40.45
C ILE F 31 30.98 -10.93 40.63
N LEU F 32 31.34 -11.64 39.55
CA LEU F 32 31.76 -13.02 39.69
C LEU F 32 33.21 -13.15 40.13
N PHE F 33 34.07 -12.18 39.78
CA PHE F 33 35.39 -12.15 40.42
C PHE F 33 35.30 -11.88 41.92
N LEU F 34 34.39 -11.01 42.34
CA LEU F 34 34.17 -10.83 43.78
C LEU F 34 33.60 -12.10 44.42
N TYR F 35 32.66 -12.74 43.72
CA TYR F 35 32.04 -13.99 44.18
C TYR F 35 33.02 -15.16 44.18
N GLY F 36 34.10 -15.08 43.42
CA GLY F 36 35.15 -16.08 43.46
C GLY F 36 36.23 -15.77 44.48
N ILE F 37 36.47 -14.47 44.72
CA ILE F 37 37.36 -14.04 45.80
C ILE F 37 36.79 -14.43 47.14
N VAL F 38 35.46 -14.38 47.28
CA VAL F 38 34.78 -14.82 48.51
C VAL F 38 35.04 -16.30 48.76
N LEU F 39 34.90 -17.13 47.72
CA LEU F 39 35.12 -18.55 47.88
C LEU F 39 36.59 -18.90 48.02
N THR F 40 37.48 -18.08 47.45
CA THR F 40 38.92 -18.27 47.67
C THR F 40 39.29 -17.97 49.11
N LEU F 41 38.72 -16.92 49.69
CA LEU F 41 38.94 -16.62 51.10
C LEU F 41 38.37 -17.72 51.99
N LEU F 42 37.20 -18.27 51.63
CA LEU F 42 36.62 -19.37 52.39
C LEU F 42 37.47 -20.64 52.28
N TYR F 43 38.03 -20.91 51.10
CA TYR F 43 38.91 -22.06 50.92
C TYR F 43 40.20 -21.90 51.72
N CYS F 44 40.77 -20.69 51.73
CA CYS F 44 41.96 -20.45 52.53
C CYS F 44 41.66 -20.47 54.03
N ARG F 45 40.43 -20.13 54.42
CA ARG F 45 40.04 -20.25 55.81
C ARG F 45 39.89 -21.71 56.21
N LEU F 46 39.33 -22.54 55.33
CA LEU F 46 39.18 -23.95 55.66
C LEU F 46 40.50 -24.71 55.57
N LYS F 47 41.43 -24.29 54.72
CA LYS F 47 42.68 -25.00 54.53
C LYS F 47 43.55 -24.96 55.78
N ILE F 48 43.63 -23.80 56.44
CA ILE F 48 44.43 -23.70 57.67
C ILE F 48 43.77 -24.46 58.80
N GLN F 49 42.44 -24.51 58.85
CA GLN F 49 41.75 -25.28 59.89
C GLN F 49 41.95 -26.78 59.69
N VAL F 50 41.88 -27.26 58.45
CA VAL F 50 42.13 -28.67 58.16
C VAL F 50 43.58 -29.04 58.45
N ARG F 51 44.54 -28.16 58.10
CA ARG F 51 45.94 -28.47 58.38
C ARG F 51 46.26 -28.35 59.87
N LYS F 52 45.51 -27.53 60.62
CA LYS F 52 45.71 -27.46 62.06
C LYS F 52 45.11 -28.68 62.76
N ALA F 53 43.99 -29.18 62.26
CA ALA F 53 43.46 -30.44 62.77
C ALA F 53 44.34 -31.62 62.39
N ASP F 54 45.01 -31.54 61.23
CA ASP F 54 45.94 -32.58 60.83
C ASP F 54 47.21 -32.54 61.66
N ILE F 55 47.65 -31.36 62.08
CA ILE F 55 48.77 -31.25 63.00
C ILE F 55 48.40 -31.82 64.36
N ALA F 56 47.23 -31.41 64.89
CA ALA F 56 46.74 -31.90 66.17
C ALA F 56 45.90 -33.16 65.94
N SER F 57 46.62 -34.26 65.64
CA SER F 57 46.08 -35.60 65.38
C SER F 57 45.04 -35.62 64.26
C1 NAG G . -17.51 0.27 -16.26
C2 NAG G . -16.56 1.18 -15.50
C3 NAG G . -16.84 1.11 -14.01
C4 NAG G . -18.32 1.38 -13.72
C5 NAG G . -19.19 0.46 -14.56
C6 NAG G . -20.67 0.74 -14.43
C7 NAG G . -14.51 1.34 -16.84
C8 NAG G . -13.09 0.89 -17.00
N2 NAG G . -15.17 0.85 -15.79
O3 NAG G . -16.02 2.07 -13.33
O4 NAG G . -18.62 1.10 -12.35
O5 NAG G . -18.86 0.61 -15.94
O6 NAG G . -20.92 2.14 -14.52
O7 NAG G . -15.04 2.10 -17.65
C1 NAG G . -18.80 2.29 -11.57
C2 NAG G . -19.83 2.01 -10.47
C3 NAG G . -19.91 3.20 -9.50
C4 NAG G . -18.54 3.55 -8.96
C5 NAG G . -17.60 3.83 -10.13
C6 NAG G . -16.18 4.11 -9.70
C7 NAG G . -21.81 0.60 -10.80
C8 NAG G . -23.15 0.48 -11.46
N2 NAG G . -21.14 1.73 -11.03
O3 NAG G . -20.80 2.87 -8.45
O4 NAG G . -18.61 4.70 -8.12
O5 NAG G . -17.56 2.67 -10.98
O6 NAG G . -15.26 3.21 -10.31
O7 NAG G . -21.37 -0.29 -10.08
C1 BMA G . -18.39 4.30 -6.75
C2 BMA G . -17.59 5.41 -6.05
C3 BMA G . -17.52 5.14 -4.54
C4 BMA G . -18.91 4.80 -3.94
C5 BMA G . -19.56 3.67 -4.73
C6 BMA G . -20.94 3.32 -4.25
O2 BMA G . -18.21 6.67 -6.21
O3 BMA G . -16.95 6.24 -3.85
O4 BMA G . -18.77 4.41 -2.60
O5 BMA G . -19.65 4.08 -6.11
O6 BMA G . -21.75 4.49 -4.29
C1 NAG H . 0.36 13.99 -4.04
C2 NAG H . -0.66 13.48 -5.06
C3 NAG H . -1.33 14.66 -5.77
C4 NAG H . -1.87 15.69 -4.78
C5 NAG H . -0.77 16.09 -3.79
C6 NAG H . -1.25 17.01 -2.70
C7 NAG H . 0.00 11.27 -5.90
C8 NAG H . 0.69 10.53 -7.01
N2 NAG H . -0.03 12.61 -6.03
O3 NAG H . -2.40 14.17 -6.58
O4 NAG H . -2.28 16.86 -5.47
O5 NAG H . -0.26 14.91 -3.15
O6 NAG H . -1.79 16.29 -1.61
O7 NAG H . -0.51 10.69 -4.96
C1 NAG H . -3.70 17.01 -5.48
C2 NAG H . -4.00 18.49 -5.66
C3 NAG H . -5.50 18.73 -5.77
C4 NAG H . -6.12 17.84 -6.84
C5 NAG H . -5.75 16.38 -6.58
C6 NAG H . -6.23 15.43 -7.64
C7 NAG H . -2.73 20.38 -4.72
C8 NAG H . -2.25 21.05 -3.47
N2 NAG H . -3.45 19.27 -4.56
O3 NAG H . -5.72 20.11 -6.08
O4 NAG H . -7.54 17.97 -6.83
O5 NAG H . -4.32 16.26 -6.52
O6 NAG H . -5.15 14.92 -8.41
O7 NAG H . -2.49 20.83 -5.83
C1 BMA H . -7.94 18.67 -8.01
C2 BMA H . -9.30 18.10 -8.51
C3 BMA H . -9.86 18.96 -9.64
C4 BMA H . -9.78 20.48 -9.33
C5 BMA H . -8.36 20.85 -8.90
C6 BMA H . -8.20 22.31 -8.54
O2 BMA H . -10.24 18.11 -7.47
O3 BMA H . -11.19 18.59 -9.97
O4 BMA H . -10.14 21.23 -10.48
O5 BMA H . -8.04 20.07 -7.74
O6 BMA H . -8.82 22.53 -7.28
C1 NAG I . 12.32 -22.56 3.51
C2 NAG I . 11.07 -23.29 3.00
C3 NAG I . 9.97 -22.28 2.72
C4 NAG I . 9.72 -21.38 3.93
C5 NAG I . 11.02 -20.77 4.42
C6 NAG I . 10.87 -20.01 5.72
C7 NAG I . 11.62 -25.39 1.86
C8 NAG I . 11.92 -26.05 0.55
N2 NAG I . 11.38 -24.07 1.82
O3 NAG I . 8.77 -22.99 2.39
O4 NAG I . 8.83 -20.33 3.56
O5 NAG I . 12.00 -21.80 4.66
O6 NAG I . 12.13 -19.52 6.18
O7 NAG I . 11.60 -26.01 2.91
C1 NAG I . 7.54 -20.49 4.19
C2 NAG I . 6.88 -19.13 4.33
C3 NAG I . 5.49 -19.27 4.94
C4 NAG I . 4.65 -20.27 4.15
C5 NAG I . 5.39 -21.59 4.01
C6 NAG I . 4.68 -22.58 3.12
C7 NAG I . 8.55 -17.35 4.61
C8 NAG I . 9.31 -16.50 5.60
N2 NAG I . 7.70 -18.23 5.14
O3 NAG I . 4.84 -18.00 4.95
O4 NAG I . 3.42 -20.50 4.81
O5 NAG I . 6.69 -21.36 3.42
O6 NAG I . 5.59 -23.44 2.46
O7 NAG I . 8.70 -17.22 3.41
C1 NAG J . 19.10 -1.46 -10.55
C2 NAG J . 20.55 -1.29 -11.02
C3 NAG J . 21.22 -2.65 -11.22
C4 NAG J . 21.06 -3.53 -9.99
C5 NAG J . 19.59 -3.62 -9.62
C6 NAG J . 19.33 -4.37 -8.34
C7 NAG J . 20.63 0.83 -12.29
C8 NAG J . 20.70 1.45 -13.64
N2 NAG J . 20.62 -0.51 -12.26
O3 NAG J . 22.60 -2.46 -11.50
O4 NAG J . 21.57 -4.83 -10.24
O5 NAG J . 19.07 -2.30 -9.41
O6 NAG J . 19.67 -3.60 -7.20
O7 NAG J . 20.59 1.49 -11.26
C1 NAG K . 19.55 12.50 10.51
C2 NAG K . 20.16 13.75 9.86
C3 NAG K . 20.36 14.86 10.89
C4 NAG K . 19.06 15.15 11.63
C5 NAG K . 18.53 13.86 12.27
C6 NAG K . 17.20 14.05 12.94
C7 NAG K . 21.82 13.99 8.06
C8 NAG K . 23.15 13.54 7.54
N2 NAG K . 21.42 13.43 9.21
O3 NAG K . 20.81 16.05 10.23
O4 NAG K . 19.30 16.11 12.66
O5 NAG K . 18.35 12.87 11.25
O6 NAG K . 16.23 14.57 12.04
O7 NAG K . 21.14 14.82 7.46
CAA Y01 L . 29.87 -27.02 35.05
CBA Y01 L . 29.22 -28.38 34.89
CAB Y01 L . 28.05 -28.27 33.92
CAN Y01 L . 28.69 -28.77 36.27
CAJ Y01 L . 29.27 -30.11 36.73
CAO Y01 L . 30.10 -29.93 38.02
CBB Y01 L . 29.53 -30.53 39.34
CAC Y01 L . 28.00 -30.76 39.32
CBE Y01 L . 30.15 -31.88 39.79
CAP Y01 L . 31.26 -32.46 38.87
CAQ Y01 L . 31.86 -33.58 39.76
CBG Y01 L . 31.15 -33.43 41.11
CBI Y01 L . 30.82 -31.91 41.18
CAE Y01 L . 32.03 -30.96 41.22
CAU Y01 L . 29.97 -31.67 42.42
CAS Y01 L . 30.70 -32.17 43.69
CBF Y01 L . 31.03 -33.66 43.57
CBD Y01 L . 31.92 -33.92 42.34
CAK Y01 L . 32.12 -35.44 42.17
CAI Y01 L . 32.40 -36.17 43.46
CAZ Y01 L . 32.26 -35.62 44.63
CAV Y01 L . 32.46 -36.51 45.86
CBH Y01 L . 31.63 -34.28 44.84
CAD Y01 L . 32.76 -33.41 45.39
CAT Y01 L . 30.51 -34.30 45.90
CAR Y01 L . 30.86 -35.15 47.11
CBC Y01 L . 31.15 -36.57 46.64
OAW Y01 L . 31.27 -37.45 47.78
CAY Y01 L . 30.18 -37.65 48.53
OAG Y01 L . 29.11 -37.90 48.01
CAM Y01 L . 30.24 -37.57 50.03
CAL Y01 L . 29.31 -38.62 50.62
CAX Y01 L . 28.84 -38.19 51.99
OAH Y01 L . 28.50 -36.92 52.22
OAF Y01 L . 28.78 -39.01 52.89
C1 NAG M . -20.63 22.35 -30.42
C2 NAG M . -20.11 22.06 -31.83
C3 NAG M . -21.07 22.58 -32.90
C4 NAG M . -22.49 22.10 -32.64
C5 NAG M . -22.92 22.42 -31.22
C6 NAG M . -24.27 21.86 -30.86
C7 NAG M . -18.31 23.81 -32.02
C8 NAG M . -16.85 24.00 -32.28
N2 NAG M . -18.75 22.53 -32.06
O3 NAG M . -20.63 22.15 -34.19
O4 NAG M . -23.39 22.73 -33.55
O5 NAG M . -21.97 21.85 -30.28
O6 NAG M . -24.17 20.65 -30.13
O7 NAG M . -19.05 24.77 -31.77
C1 NAG N . -12.99 -21.41 -12.95
C2 NAG N . -11.67 -22.19 -13.16
C3 NAG N . -11.90 -23.44 -14.03
C4 NAG N . -13.05 -24.28 -13.49
C5 NAG N . -14.29 -23.42 -13.37
C6 NAG N . -15.48 -24.16 -12.81
C7 NAG N . -10.56 -20.73 -14.89
C8 NAG N . -9.32 -19.95 -15.16
N2 NAG N . -10.60 -21.36 -13.69
O3 NAG N . -10.70 -24.21 -14.06
O4 NAG N . -13.29 -25.38 -14.36
O5 NAG N . -14.04 -22.32 -12.50
O6 NAG N . -16.64 -23.34 -12.75
O7 NAG N . -11.50 -20.76 -15.69
C1 NAG O . -13.83 -3.35 -43.76
C2 NAG O . -14.08 -4.16 -45.05
C3 NAG O . -15.51 -4.73 -45.05
C4 NAG O . -15.77 -5.54 -43.78
C5 NAG O . -15.46 -4.68 -42.54
C6 NAG O . -15.57 -5.44 -41.24
C7 NAG O . -12.72 -3.27 -46.88
C8 NAG O . -12.68 -2.37 -48.07
N2 NAG O . -13.87 -3.33 -46.22
O3 NAG O . -15.67 -5.57 -46.18
O4 NAG O . -17.11 -5.96 -43.73
O5 NAG O . -14.11 -4.18 -42.61
O6 NAG O . -14.30 -5.64 -40.65
O7 NAG O . -11.73 -3.92 -46.53
#